data_3FZU
#
_entry.id   3FZU
#
_cell.length_a   243.051
_cell.length_b   61.938
_cell.length_c   100.846
_cell.angle_alpha   90.00
_cell.angle_beta   113.94
_cell.angle_gamma   90.00
#
_symmetry.space_group_name_H-M   'C 1 2 1'
#
loop_
_entity.id
_entity.type
_entity.pdbx_description
1 polymer 'immunoglobulin IgG1 Fab, light chain'
2 polymer 'immunoglobulin IgG1 Fab, heavy chain'
3 water water
#
loop_
_entity_poly.entity_id
_entity_poly.type
_entity_poly.pdbx_seq_one_letter_code
_entity_poly.pdbx_strand_id
1 'polypeptide(L)'
;DIQMTQSPSSLSASVGDRVTITCRASQDIRYYLNWYQQKPGKAPKLLIYVASSLQSGVPSRFSGSGSGTEFTLTVSSLQP
EDFATYYCLQVYSTPRTFGQGTKVEIKRTVAAPSVFIFPPSDEQLKSGTASVVCLLNNFYPREAKVQWKVDNALQSGNSQ
ESVTEQDSKDSTYSLSSTLTLSKADYEKHKVYACEVTHQGLSSPVTKSFNRGEC
;
L,D
2 'polypeptide(L)'
;EVQLVESGGGLAKPGGSLRLSCAASGFRFTFNNYYMDWVRQAPGQGLEWVSRISSSGDPTWYADSVKGRFTISRENAKNT
LFLQMNSLRAEDTAVYYCASLTTGSDSWGQGVLVTVSSASTKGPSVFPLAPSSKSTSGGTAALGCLVKDYFPEPVTVSWN
SGALTSGVHTFPAVLQSSGLYSLSSVVTVPSSSLGTQTYICNVNHKPSNTKVDKKVEPKSCDK
;
H,C
#
# COMPACT_ATOMS: atom_id res chain seq x y z
N ASP A 1 -4.38 -4.29 32.37
CA ASP A 1 -3.77 -4.16 30.96
C ASP A 1 -3.89 -2.79 30.49
N ILE A 2 -2.76 -2.19 30.18
CA ILE A 2 -2.76 -0.85 29.73
C ILE A 2 -2.76 -1.02 28.24
N GLN A 3 -3.80 -0.50 27.64
CA GLN A 3 -3.90 -0.65 26.23
C GLN A 3 -3.17 0.46 25.48
N MET A 4 -2.60 0.14 24.33
CA MET A 4 -1.67 1.03 23.62
C MET A 4 -2.14 1.26 22.18
N THR A 5 -2.47 2.46 21.79
CA THR A 5 -2.88 2.69 20.42
C THR A 5 -1.83 3.45 19.65
N GLN A 6 -1.09 2.77 18.78
CA GLN A 6 0.00 3.31 17.92
C GLN A 6 -0.56 3.71 16.54
N SER A 7 -0.15 4.85 16.08
CA SER A 7 -0.60 5.33 14.84
C SER A 7 0.51 6.11 14.11
N PRO A 8 0.59 5.97 12.79
CA PRO A 8 -0.20 5.16 11.92
C PRO A 8 0.26 3.71 11.94
N SER A 9 -0.59 2.80 11.45
CA SER A 9 -0.09 1.42 11.30
C SER A 9 0.98 1.42 10.25
N SER A 10 0.89 2.28 9.23
CA SER A 10 1.94 2.32 8.24
C SER A 10 1.99 3.58 7.42
N LEU A 11 3.20 3.92 7.03
CA LEU A 11 3.42 5.10 6.31
C LEU A 11 4.60 5.03 5.39
N SER A 12 4.52 5.94 4.44
CA SER A 12 5.50 6.14 3.41
C SER A 12 5.88 7.61 3.43
N ALA A 13 7.19 7.85 3.48
CA ALA A 13 7.71 9.20 3.49
C ALA A 13 9.10 9.25 2.85
N SER A 14 9.47 10.42 2.42
CA SER A 14 10.67 10.66 1.66
C SER A 14 11.89 10.96 2.50
N VAL A 15 13.07 10.86 1.88
CA VAL A 15 14.28 10.98 2.62
C VAL A 15 14.35 12.41 2.96
N GLY A 16 14.49 12.71 4.22
CA GLY A 16 14.71 14.11 4.60
C GLY A 16 13.49 14.64 5.28
N ASP A 17 12.34 13.97 5.13
CA ASP A 17 10.99 14.33 5.60
C ASP A 17 10.82 14.23 7.10
N ARG A 18 9.94 15.01 7.70
CA ARG A 18 9.64 14.80 9.08
C ARG A 18 8.63 13.70 9.23
N VAL A 19 8.86 12.65 10.03
CA VAL A 19 7.86 11.67 10.33
C VAL A 19 7.49 11.79 11.80
N THR A 20 6.25 11.54 12.11
CA THR A 20 5.84 11.59 13.48
C THR A 20 4.89 10.50 13.82
N ILE A 21 5.22 9.62 14.79
CA ILE A 21 4.39 8.42 15.18
C ILE A 21 3.80 8.67 16.55
N THR A 22 2.58 8.22 16.75
CA THR A 22 1.84 8.49 17.96
C THR A 22 1.38 7.25 18.69
N CYS A 23 1.55 7.23 19.99
CA CYS A 23 1.10 6.18 20.86
C CYS A 23 0.12 6.77 21.82
N ARG A 24 -0.89 6.03 22.20
CA ARG A 24 -1.80 6.50 23.19
C ARG A 24 -2.13 5.40 24.18
N ALA A 25 -2.09 5.72 25.44
CA ALA A 25 -2.36 4.79 26.50
C ALA A 25 -3.68 5.01 27.18
N SER A 26 -4.26 3.93 27.64
CA SER A 26 -5.55 3.97 28.27
C SER A 26 -5.54 4.35 29.75
N GLN A 27 -4.39 4.34 30.37
CA GLN A 27 -4.24 4.94 31.66
C GLN A 27 -3.13 5.92 31.55
N ASP A 28 -3.08 6.81 32.51
CA ASP A 28 -1.95 7.63 32.80
C ASP A 28 -0.76 6.80 33.17
N ILE A 29 0.25 6.80 32.32
CA ILE A 29 1.44 6.08 32.60
C ILE A 29 2.57 7.00 32.87
N ARG A 30 2.23 8.24 33.14
CA ARG A 30 3.17 9.28 33.42
C ARG A 30 4.15 9.34 32.30
N TYR A 31 5.42 9.15 32.59
CA TYR A 31 6.37 9.25 31.54
C TYR A 31 7.07 7.94 31.25
N TYR A 32 6.54 6.86 31.78
CA TYR A 32 7.11 5.56 31.56
C TYR A 32 6.75 4.93 30.23
N LEU A 33 7.35 5.38 29.15
CA LEU A 33 7.03 4.79 27.80
C LEU A 33 8.33 4.80 27.03
N ASN A 34 8.56 3.78 26.27
CA ASN A 34 9.78 3.68 25.49
C ASN A 34 9.34 3.51 24.04
N TRP A 35 10.26 3.86 23.10
CA TRP A 35 10.13 3.54 21.65
C TRP A 35 11.31 2.71 21.09
N TYR A 36 10.94 1.69 20.33
CA TYR A 36 11.90 0.77 19.76
C TYR A 36 11.82 0.85 18.26
N GLN A 37 13.00 0.70 17.61
CA GLN A 37 13.12 0.38 16.19
C GLN A 37 13.47 -1.04 16.01
N GLN A 38 12.73 -1.65 15.09
CA GLN A 38 12.96 -3.00 14.74
C GLN A 38 13.30 -3.07 13.28
N LYS A 39 14.53 -3.33 12.96
CA LYS A 39 14.88 -3.56 11.54
C LYS A 39 14.56 -4.98 11.12
N PRO A 40 14.38 -5.17 9.82
CA PRO A 40 14.07 -6.48 9.26
C PRO A 40 15.10 -7.48 9.65
N GLY A 41 14.65 -8.57 10.26
CA GLY A 41 15.49 -9.68 10.64
C GLY A 41 16.28 -9.47 11.93
N LYS A 42 15.89 -8.49 12.71
CA LYS A 42 16.70 -8.08 13.80
C LYS A 42 15.86 -7.84 15.04
N ALA A 43 16.48 -7.81 16.21
CA ALA A 43 15.73 -7.64 17.36
C ALA A 43 15.41 -6.16 17.49
N PRO A 44 14.35 -5.84 18.14
CA PRO A 44 14.12 -4.44 18.47
C PRO A 44 15.28 -3.79 19.17
N LYS A 45 15.48 -2.53 18.93
CA LYS A 45 16.68 -1.82 19.49
C LYS A 45 16.12 -0.47 20.13
N LEU A 46 16.53 -0.13 21.35
CA LEU A 46 15.92 0.99 22.03
C LEU A 46 16.18 2.33 21.35
N LEU A 47 15.19 3.07 20.97
CA LEU A 47 15.45 4.48 20.56
C LEU A 47 15.26 5.49 21.68
N ILE A 48 14.16 5.42 22.43
CA ILE A 48 13.84 6.51 23.43
C ILE A 48 13.22 5.89 24.65
N TYR A 49 13.59 6.32 25.83
CA TYR A 49 13.02 5.76 27.01
C TYR A 49 12.60 6.86 27.92
N VAL A 50 11.77 6.53 28.91
CA VAL A 50 11.09 7.54 29.71
C VAL A 50 10.71 8.75 28.87
N ALA A 51 10.29 8.50 27.63
CA ALA A 51 9.38 9.40 26.94
C ALA A 51 10.07 10.43 26.05
N SER A 52 11.37 10.62 26.27
CA SER A 52 12.00 11.82 25.72
C SER A 52 13.51 11.77 25.90
N SER A 53 14.00 10.71 26.55
CA SER A 53 15.40 10.48 26.66
C SER A 53 15.97 9.58 25.59
N LEU A 54 17.04 10.03 24.97
CA LEU A 54 17.61 9.48 23.74
C LEU A 54 18.58 8.43 24.18
N GLN A 55 18.49 7.18 23.71
CA GLN A 55 19.57 6.32 24.02
C GLN A 55 20.83 6.72 23.36
N SER A 56 21.88 6.65 24.14
CA SER A 56 23.25 7.01 23.72
C SER A 56 23.60 6.23 22.43
N GLY A 57 23.83 6.93 21.34
CA GLY A 57 24.24 6.26 20.13
C GLY A 57 23.16 6.35 19.13
N VAL A 58 21.95 6.69 19.51
CA VAL A 58 20.89 6.83 18.52
C VAL A 58 20.97 8.22 17.79
N PRO A 59 20.95 8.26 16.47
CA PRO A 59 20.90 9.60 15.82
C PRO A 59 20.03 10.61 16.44
N SER A 60 20.46 11.83 16.47
CA SER A 60 19.66 12.86 16.97
C SER A 60 18.40 13.23 16.19
N ARG A 61 18.28 12.74 14.98
CA ARG A 61 17.07 12.62 14.20
C ARG A 61 15.89 12.18 15.06
N PHE A 62 16.13 11.39 16.10
CA PHE A 62 15.01 10.76 16.83
C PHE A 62 14.77 11.54 18.11
N SER A 63 13.50 11.93 18.32
CA SER A 63 13.09 12.60 19.58
C SER A 63 11.78 12.06 20.07
N GLY A 64 11.47 12.36 21.32
CA GLY A 64 10.44 11.65 22.07
C GLY A 64 9.74 12.68 22.86
N SER A 65 8.42 12.55 22.91
CA SER A 65 7.70 13.65 23.47
C SER A 65 6.43 13.23 24.16
N GLY A 66 5.91 14.08 25.07
CA GLY A 66 4.60 13.92 25.66
C GLY A 66 4.68 13.24 26.98
N SER A 67 3.52 12.89 27.51
CA SER A 67 3.40 12.37 28.89
C SER A 67 1.92 11.99 29.25
N GLY A 68 1.67 11.35 30.36
CA GLY A 68 0.30 11.04 30.73
C GLY A 68 -0.19 9.89 29.91
N THR A 69 -1.01 10.21 28.92
CA THR A 69 -1.64 9.27 28.05
C THR A 69 -1.27 9.47 26.63
N GLU A 70 -0.57 10.54 26.26
CA GLU A 70 -0.28 10.80 24.83
C GLU A 70 1.23 10.98 24.59
N PHE A 71 1.84 10.11 23.77
CA PHE A 71 3.24 10.22 23.42
C PHE A 71 3.44 10.22 21.92
N THR A 72 4.43 11.00 21.51
CA THR A 72 4.81 11.08 20.12
C THR A 72 6.36 10.87 19.89
N LEU A 73 6.66 10.00 18.93
CA LEU A 73 8.05 9.78 18.48
C LEU A 73 8.23 10.55 17.18
N THR A 74 9.26 11.34 17.00
CA THR A 74 9.45 12.07 15.74
C THR A 74 10.78 11.71 15.18
N VAL A 75 10.77 11.47 13.87
CA VAL A 75 12.01 11.44 13.16
C VAL A 75 12.10 12.71 12.38
N SER A 76 13.00 13.51 12.82
CA SER A 76 13.38 14.77 12.23
C SER A 76 13.64 14.81 10.71
N SER A 77 14.31 13.75 10.25
CA SER A 77 14.82 13.77 8.86
C SER A 77 15.06 12.35 8.39
N LEU A 78 14.08 11.77 7.71
CA LEU A 78 14.07 10.34 7.64
C LEU A 78 15.18 9.98 6.68
N GLN A 79 15.91 8.92 7.04
CA GLN A 79 17.08 8.43 6.28
C GLN A 79 16.72 7.05 5.72
N PRO A 80 17.37 6.60 4.63
CA PRO A 80 17.09 5.34 3.97
C PRO A 80 17.19 4.23 4.94
N GLU A 81 18.19 4.29 5.80
CA GLU A 81 18.33 3.24 6.82
C GLU A 81 17.21 3.23 7.91
N ASP A 82 16.26 4.15 7.83
CA ASP A 82 15.17 4.12 8.81
C ASP A 82 13.94 3.23 8.50
N PHE A 83 14.04 2.40 7.49
CA PHE A 83 13.04 1.42 7.18
C PHE A 83 13.08 0.44 8.32
N ALA A 84 11.93 0.23 8.93
CA ALA A 84 11.81 -0.48 10.21
C ALA A 84 10.33 -0.59 10.51
N THR A 85 10.02 -1.36 11.52
CA THR A 85 8.71 -1.23 12.16
C THR A 85 9.13 -0.62 13.45
N TYR A 86 8.42 0.42 13.88
CA TYR A 86 8.62 1.13 15.17
C TYR A 86 7.49 0.69 16.13
N TYR A 87 7.82 0.60 17.44
CA TYR A 87 6.92 0.01 18.45
C TYR A 87 7.02 0.78 19.77
N CYS A 88 5.92 1.22 20.36
CA CYS A 88 6.04 1.76 21.70
C CYS A 88 5.81 0.64 22.68
N LEU A 89 6.25 0.89 23.89
CA LEU A 89 6.12 0.02 24.99
C LEU A 89 5.97 0.81 26.21
N GLN A 90 4.90 0.52 26.89
CA GLN A 90 4.58 0.96 28.21
C GLN A 90 5.47 0.26 29.23
N VAL A 91 6.09 1.01 30.13
CA VAL A 91 6.93 0.39 31.13
C VAL A 91 6.48 0.77 32.52
N TYR A 92 5.20 0.73 32.73
CA TYR A 92 4.60 1.22 33.93
C TYR A 92 4.05 0.12 34.81
N SER A 93 3.63 -0.98 34.21
CA SER A 93 3.07 -2.05 34.95
C SER A 93 2.90 -3.24 34.11
N THR A 94 2.75 -4.39 34.71
CA THR A 94 2.59 -5.56 33.92
C THR A 94 1.12 -5.95 33.86
N PRO A 95 0.72 -6.71 32.89
CA PRO A 95 1.54 -7.17 31.80
C PRO A 95 2.07 -6.07 30.90
N ARG A 96 3.10 -6.37 30.15
CA ARG A 96 3.71 -5.37 29.31
C ARG A 96 2.94 -5.34 28.07
N THR A 97 2.65 -4.15 27.61
CA THR A 97 1.93 -3.97 26.41
C THR A 97 2.66 -3.06 25.46
N PHE A 98 2.78 -3.54 24.25
CA PHE A 98 3.38 -2.83 23.20
C PHE A 98 2.31 -2.24 22.28
N GLY A 99 2.67 -1.28 21.48
CA GLY A 99 1.72 -0.89 20.43
C GLY A 99 1.83 -1.85 19.29
N GLN A 100 0.90 -1.76 18.39
CA GLN A 100 0.88 -2.71 17.33
C GLN A 100 1.84 -2.43 16.26
N GLY A 101 2.68 -1.41 16.35
CA GLY A 101 3.72 -1.19 15.34
C GLY A 101 3.38 -0.13 14.29
N THR A 102 4.40 0.49 13.75
CA THR A 102 4.20 1.36 12.61
C THR A 102 5.22 0.98 11.62
N LYS A 103 4.75 0.55 10.47
CA LYS A 103 5.66 0.26 9.39
C LYS A 103 5.97 1.55 8.64
N VAL A 104 7.26 1.78 8.39
CA VAL A 104 7.76 2.97 7.72
C VAL A 104 8.55 2.59 6.56
N GLU A 105 8.15 3.07 5.41
CA GLU A 105 8.82 2.84 4.16
C GLU A 105 9.28 4.15 3.67
N ILE A 106 10.46 4.17 3.04
CA ILE A 106 11.01 5.34 2.38
C ILE A 106 10.49 5.41 0.98
N LYS A 107 10.05 6.58 0.60
CA LYS A 107 9.61 6.79 -0.72
C LYS A 107 10.63 7.56 -1.58
N ARG A 108 10.80 7.08 -2.81
CA ARG A 108 11.83 7.54 -3.74
C ARG A 108 11.29 7.53 -5.16
N THR A 109 12.02 8.09 -6.08
CA THR A 109 11.51 8.08 -7.42
C THR A 109 11.27 6.62 -7.96
N VAL A 110 10.38 6.46 -8.93
CA VAL A 110 10.01 5.16 -9.47
C VAL A 110 11.22 4.55 -10.15
N ALA A 111 11.49 3.26 -10.00
CA ALA A 111 12.62 2.55 -10.63
C ALA A 111 12.04 1.24 -11.14
N ALA A 112 12.05 1.01 -12.44
CA ALA A 112 11.49 -0.19 -13.05
C ALA A 112 12.42 -1.33 -12.69
N PRO A 113 11.90 -2.53 -12.43
CA PRO A 113 12.73 -3.70 -12.07
C PRO A 113 13.58 -4.18 -13.18
N SER A 114 14.60 -5.00 -12.96
CA SER A 114 15.12 -5.79 -14.11
C SER A 114 14.58 -7.19 -13.98
N VAL A 115 14.04 -7.76 -15.04
CA VAL A 115 13.49 -9.13 -14.90
C VAL A 115 14.48 -10.12 -15.42
N PHE A 116 14.89 -11.04 -14.57
CA PHE A 116 15.70 -12.19 -14.98
C PHE A 116 14.82 -13.49 -14.85
N ILE A 117 15.25 -14.55 -15.49
CA ILE A 117 14.50 -15.82 -15.52
C ILE A 117 15.56 -16.90 -15.55
N PHE A 118 15.26 -17.98 -14.82
CA PHE A 118 16.20 -19.06 -14.51
C PHE A 118 15.52 -20.39 -14.70
N PRO A 119 15.89 -21.14 -15.73
CA PRO A 119 15.23 -22.44 -15.86
C PRO A 119 15.74 -23.46 -14.82
N PRO A 120 14.92 -24.45 -14.53
CA PRO A 120 15.27 -25.58 -13.68
C PRO A 120 16.59 -26.15 -14.03
N SER A 121 17.20 -26.84 -13.10
CA SER A 121 18.51 -27.39 -13.29
C SER A 121 18.36 -28.86 -13.53
N ASP A 122 19.36 -29.46 -14.17
CA ASP A 122 19.29 -30.86 -14.52
C ASP A 122 19.19 -31.67 -13.26
N GLU A 123 19.92 -31.24 -12.24
CA GLU A 123 19.97 -32.00 -11.02
C GLU A 123 18.61 -32.08 -10.42
N GLN A 124 17.84 -31.03 -10.58
CA GLN A 124 16.52 -30.98 -10.00
C GLN A 124 15.56 -31.83 -10.78
N LEU A 125 15.75 -31.83 -12.09
CA LEU A 125 14.93 -32.65 -12.95
C LEU A 125 15.30 -34.10 -12.74
N LYS A 126 16.59 -34.37 -12.66
CA LYS A 126 17.04 -35.72 -12.40
C LYS A 126 16.20 -36.29 -11.29
N SER A 127 15.46 -35.42 -10.61
CA SER A 127 14.72 -35.83 -9.44
C SER A 127 13.22 -35.69 -9.56
N GLY A 128 12.75 -35.18 -10.69
CA GLY A 128 11.33 -35.17 -10.95
C GLY A 128 10.50 -33.97 -10.56
N THR A 129 11.15 -32.87 -10.27
CA THR A 129 10.42 -31.69 -9.92
C THR A 129 11.05 -30.67 -10.81
N ALA A 130 10.28 -29.70 -11.27
CA ALA A 130 10.86 -28.62 -12.02
C ALA A 130 10.46 -27.29 -11.38
N SER A 131 11.41 -26.39 -11.25
CA SER A 131 11.13 -25.12 -10.61
C SER A 131 11.71 -23.98 -11.37
N VAL A 132 10.86 -23.03 -11.72
CA VAL A 132 11.29 -21.89 -12.48
C VAL A 132 11.27 -20.63 -11.65
N VAL A 133 12.35 -19.89 -11.69
CA VAL A 133 12.51 -18.72 -10.90
C VAL A 133 12.53 -17.43 -11.72
N CYS A 134 11.71 -16.46 -11.33
CA CYS A 134 11.61 -15.18 -11.98
C CYS A 134 12.12 -14.15 -10.99
N LEU A 135 12.99 -13.26 -11.42
CA LEU A 135 13.60 -12.37 -10.50
C LEU A 135 13.51 -10.94 -10.94
N LEU A 136 12.67 -10.15 -10.29
CA LEU A 136 12.68 -8.72 -10.48
C LEU A 136 13.66 -8.10 -9.53
N ASN A 137 14.49 -7.21 -10.02
CA ASN A 137 15.60 -6.68 -9.28
C ASN A 137 15.55 -5.18 -9.16
N ASN A 138 15.92 -4.67 -8.00
CA ASN A 138 15.89 -3.24 -7.66
C ASN A 138 14.80 -2.30 -8.14
N PHE A 139 13.58 -2.49 -7.68
CA PHE A 139 12.48 -1.61 -8.07
C PHE A 139 11.84 -0.81 -6.93
N TYR A 140 11.11 0.22 -7.30
CA TYR A 140 10.30 0.97 -6.38
C TYR A 140 9.30 1.54 -7.25
N PRO A 141 8.04 1.48 -6.83
CA PRO A 141 7.53 0.91 -5.61
C PRO A 141 7.46 -0.62 -5.52
N ARG A 142 7.03 -1.04 -4.36
CA ARG A 142 6.97 -2.43 -3.98
C ARG A 142 5.98 -3.22 -4.79
N GLU A 143 4.86 -2.57 -5.12
CA GLU A 143 3.78 -3.14 -5.91
C GLU A 143 4.18 -3.58 -7.32
N ALA A 144 4.03 -4.86 -7.60
CA ALA A 144 4.37 -5.44 -8.93
C ALA A 144 3.44 -6.64 -9.13
N LYS A 145 2.92 -6.85 -10.31
CA LYS A 145 2.06 -8.01 -10.53
C LYS A 145 3.04 -8.83 -11.30
N VAL A 146 3.22 -10.08 -10.90
CA VAL A 146 4.16 -10.98 -11.64
C VAL A 146 3.41 -12.25 -12.07
N GLN A 147 3.16 -12.45 -13.35
CA GLN A 147 2.33 -13.59 -13.72
C GLN A 147 3.09 -14.63 -14.49
N TRP A 148 2.82 -15.89 -14.21
CA TRP A 148 3.44 -16.94 -14.97
C TRP A 148 2.55 -17.37 -16.13
N LYS A 149 3.18 -17.58 -17.26
CA LYS A 149 2.51 -18.17 -18.41
C LYS A 149 3.30 -19.32 -19.02
N VAL A 150 2.69 -20.47 -19.07
CA VAL A 150 3.29 -21.61 -19.73
C VAL A 150 2.53 -21.90 -21.02
N ASP A 151 3.24 -21.83 -22.14
CA ASP A 151 2.63 -21.92 -23.46
C ASP A 151 1.54 -20.90 -23.61
N ASN A 152 1.71 -19.79 -22.90
CA ASN A 152 0.80 -18.67 -22.96
C ASN A 152 -0.53 -18.87 -22.27
N ALA A 153 -0.68 -19.96 -21.56
CA ALA A 153 -1.78 -20.04 -20.64
C ALA A 153 -1.30 -19.53 -19.29
N LEU A 154 -2.14 -18.74 -18.64
CA LEU A 154 -1.79 -18.10 -17.41
C LEU A 154 -1.92 -19.07 -16.29
N GLN A 155 -0.94 -19.05 -15.39
CA GLN A 155 -0.91 -19.96 -14.29
C GLN A 155 -1.60 -19.38 -13.07
N SER A 156 -2.32 -20.21 -12.35
CA SER A 156 -2.87 -19.77 -11.12
C SER A 156 -2.90 -20.84 -10.05
N GLY A 157 -2.24 -20.53 -8.92
CA GLY A 157 -2.18 -21.38 -7.72
C GLY A 157 -1.02 -22.37 -7.63
N ASN A 158 0.00 -22.27 -8.47
CA ASN A 158 1.14 -23.22 -8.46
C ASN A 158 2.49 -22.45 -8.40
N SER A 159 2.41 -21.28 -7.81
CA SER A 159 3.59 -20.47 -7.65
C SER A 159 3.45 -19.55 -6.48
N GLN A 160 4.59 -19.04 -6.03
CA GLN A 160 4.65 -18.11 -4.94
C GLN A 160 5.84 -17.18 -5.04
N GLU A 161 5.70 -16.09 -4.29
CA GLU A 161 6.61 -14.99 -4.26
C GLU A 161 7.35 -14.78 -2.90
N SER A 162 8.38 -13.94 -2.93
CA SER A 162 9.05 -13.46 -1.73
C SER A 162 9.66 -12.13 -2.08
N VAL A 163 9.47 -11.14 -1.23
CA VAL A 163 10.12 -9.84 -1.36
C VAL A 163 11.17 -9.60 -0.27
N THR A 164 12.24 -8.91 -0.63
CA THR A 164 13.26 -8.57 0.34
C THR A 164 12.89 -7.21 1.00
N GLU A 165 13.70 -6.78 1.96
CA GLU A 165 13.46 -5.48 2.67
C GLU A 165 13.83 -4.39 1.71
N GLN A 166 13.39 -3.18 2.03
CA GLN A 166 13.73 -2.02 1.21
C GLN A 166 15.22 -1.86 1.40
N ASP A 167 16.03 -1.79 0.35
CA ASP A 167 17.46 -1.77 0.52
C ASP A 167 17.90 -0.58 1.30
N SER A 168 18.78 -0.70 2.26
CA SER A 168 19.00 0.41 3.19
C SER A 168 19.81 1.62 2.75
N LYS A 169 20.53 1.51 1.63
CA LYS A 169 21.25 2.64 0.95
C LYS A 169 20.42 3.25 -0.19
N ASP A 170 20.00 2.46 -1.21
CA ASP A 170 19.20 3.00 -2.32
C ASP A 170 17.64 2.76 -2.30
N SER A 171 17.09 2.31 -1.16
CA SER A 171 15.60 2.34 -0.94
C SER A 171 14.72 1.54 -1.97
N THR A 172 15.31 0.56 -2.67
CA THR A 172 14.53 -0.35 -3.62
C THR A 172 14.23 -1.78 -3.10
N TYR A 173 13.52 -2.62 -3.86
CA TYR A 173 13.15 -3.97 -3.40
C TYR A 173 13.58 -4.89 -4.45
N SER A 174 13.75 -6.16 -4.13
CA SER A 174 13.84 -7.19 -5.20
C SER A 174 12.82 -8.25 -4.86
N LEU A 175 12.37 -9.03 -5.85
CA LEU A 175 11.31 -10.02 -5.64
C LEU A 175 11.62 -11.29 -6.39
N SER A 176 11.27 -12.43 -5.79
CA SER A 176 11.36 -13.64 -6.51
C SER A 176 9.99 -14.35 -6.61
N SER A 177 9.73 -14.89 -7.78
CA SER A 177 8.57 -15.65 -8.06
C SER A 177 9.08 -17.04 -8.51
N THR A 178 8.46 -18.08 -8.01
CA THR A 178 8.92 -19.38 -8.25
C THR A 178 7.75 -20.24 -8.58
N LEU A 179 7.66 -20.66 -9.83
CA LEU A 179 6.65 -21.57 -10.29
C LEU A 179 7.20 -22.94 -10.24
N THR A 180 6.36 -23.88 -9.89
CA THR A 180 6.86 -25.19 -9.58
C THR A 180 6.00 -26.26 -10.19
N LEU A 181 6.59 -27.14 -11.00
CA LEU A 181 5.93 -28.37 -11.47
C LEU A 181 6.70 -29.67 -11.36
N SER A 182 6.00 -30.77 -11.59
CA SER A 182 6.60 -32.07 -11.87
C SER A 182 7.20 -32.14 -13.26
N LYS A 183 8.40 -32.70 -13.36
CA LYS A 183 8.88 -33.29 -14.61
C LYS A 183 7.77 -33.71 -15.54
N ALA A 184 6.86 -34.53 -15.05
CA ALA A 184 5.71 -34.84 -15.82
C ALA A 184 5.24 -33.61 -16.58
N ASP A 185 4.60 -32.66 -15.90
CA ASP A 185 3.99 -31.54 -16.60
C ASP A 185 4.93 -30.53 -17.18
N TYR A 186 6.15 -30.52 -16.74
CA TYR A 186 7.08 -29.58 -17.29
C TYR A 186 7.39 -30.00 -18.69
N GLU A 187 7.45 -31.31 -18.91
CA GLU A 187 7.83 -31.86 -20.20
C GLU A 187 6.77 -31.72 -21.28
N LYS A 188 5.54 -31.42 -20.90
CA LYS A 188 4.47 -31.20 -21.83
C LYS A 188 4.39 -29.84 -22.48
N HIS A 189 5.27 -28.89 -22.17
CA HIS A 189 5.04 -27.52 -22.70
C HIS A 189 6.35 -26.95 -23.21
N LYS A 190 6.34 -25.92 -24.14
CA LYS A 190 7.69 -25.52 -24.61
C LYS A 190 8.17 -24.25 -23.94
N VAL A 191 7.29 -23.28 -23.81
CA VAL A 191 7.71 -21.96 -23.45
C VAL A 191 7.26 -21.64 -22.02
N TYR A 192 8.19 -21.13 -21.22
CA TYR A 192 7.86 -20.55 -19.92
C TYR A 192 8.18 -19.09 -19.85
N ALA A 193 7.22 -18.32 -19.37
CA ALA A 193 7.35 -16.88 -19.30
C ALA A 193 6.90 -16.39 -17.97
N CYS A 194 7.59 -15.40 -17.42
CA CYS A 194 6.97 -14.51 -16.46
C CYS A 194 6.65 -13.12 -16.95
N GLU A 195 5.53 -12.59 -16.51
CA GLU A 195 5.08 -11.32 -17.01
C GLU A 195 4.88 -10.27 -15.91
N VAL A 196 5.61 -9.17 -16.03
CA VAL A 196 5.75 -8.17 -15.00
C VAL A 196 5.09 -6.85 -15.37
N THR A 197 4.19 -6.37 -14.52
CA THR A 197 3.56 -5.05 -14.63
C THR A 197 4.03 -4.15 -13.45
N HIS A 198 4.53 -2.96 -13.75
CA HIS A 198 5.01 -2.15 -12.72
C HIS A 198 5.00 -0.76 -13.24
N GLN A 199 4.72 0.13 -12.31
CA GLN A 199 4.61 1.52 -12.60
C GLN A 199 5.77 2.14 -13.38
N GLY A 200 6.99 1.62 -13.22
CA GLY A 200 8.13 2.08 -13.99
C GLY A 200 8.20 1.52 -15.39
N LEU A 201 7.20 0.74 -15.79
CA LEU A 201 7.24 0.13 -17.08
C LEU A 201 6.07 0.65 -17.85
N SER A 202 6.36 1.34 -18.94
CA SER A 202 5.28 1.71 -19.83
C SER A 202 4.57 0.48 -20.40
N SER A 203 5.17 -0.70 -20.39
CA SER A 203 4.39 -1.85 -20.83
C SER A 203 4.88 -3.13 -20.19
N PRO A 204 3.98 -4.09 -19.98
CA PRO A 204 4.39 -5.37 -19.41
C PRO A 204 5.58 -5.96 -20.13
N VAL A 205 6.62 -6.28 -19.36
CA VAL A 205 7.84 -6.90 -19.82
C VAL A 205 7.69 -8.38 -19.52
N THR A 206 7.84 -9.18 -20.55
CA THR A 206 7.78 -10.63 -20.45
C THR A 206 9.14 -11.17 -20.68
N LYS A 207 9.63 -12.05 -19.84
CA LYS A 207 10.88 -12.69 -20.18
C LYS A 207 10.56 -14.17 -20.21
N SER A 208 11.05 -14.86 -21.22
CA SER A 208 10.74 -16.24 -21.35
C SER A 208 11.91 -17.10 -21.81
N PHE A 209 11.70 -18.41 -21.74
CA PHE A 209 12.58 -19.34 -22.41
C PHE A 209 11.80 -20.49 -22.94
N ASN A 210 12.25 -21.08 -24.09
CA ASN A 210 11.75 -22.39 -24.54
C ASN A 210 12.54 -23.46 -23.79
N ARG A 211 11.83 -24.49 -23.33
CA ARG A 211 12.42 -25.68 -22.68
C ARG A 211 13.64 -26.33 -23.42
N GLY A 212 14.78 -26.48 -22.71
CA GLY A 212 16.03 -27.10 -23.21
C GLY A 212 16.78 -26.51 -24.41
N GLU A 213 17.00 -25.18 -24.49
CA GLU A 213 17.70 -24.60 -25.69
C GLU A 213 18.67 -23.45 -25.42
N GLU B 1 27.18 -1.56 27.09
CA GLU B 1 25.95 -2.31 26.52
C GLU B 1 25.73 -3.64 27.34
N VAL B 2 24.52 -3.90 27.82
CA VAL B 2 24.26 -5.24 28.23
C VAL B 2 24.30 -6.09 26.97
N GLN B 3 24.94 -7.24 27.05
CA GLN B 3 24.80 -8.23 26.03
C GLN B 3 24.08 -9.50 26.52
N LEU B 4 23.09 -9.96 25.74
CA LEU B 4 22.25 -11.11 26.06
C LEU B 4 22.34 -12.13 24.87
N VAL B 5 22.80 -13.38 25.07
CA VAL B 5 22.93 -14.42 24.03
C VAL B 5 22.03 -15.60 24.33
N GLU B 6 21.00 -15.84 23.55
CA GLU B 6 20.05 -16.90 23.84
C GLU B 6 20.50 -18.26 23.38
N SER B 7 20.04 -19.29 24.05
CA SER B 7 20.30 -20.64 23.64
C SER B 7 19.08 -21.47 23.89
N GLY B 8 19.03 -22.68 23.36
CA GLY B 8 17.78 -23.39 23.19
C GLY B 8 17.43 -22.91 21.82
N GLY B 9 16.30 -23.24 21.23
CA GLY B 9 15.33 -24.17 21.73
C GLY B 9 15.03 -25.09 20.58
N GLY B 10 14.53 -24.57 19.47
CA GLY B 10 14.34 -25.37 18.27
C GLY B 10 12.97 -25.91 17.87
N LEU B 11 12.91 -27.13 17.40
CA LEU B 11 11.67 -27.71 16.93
C LEU B 11 11.17 -28.70 17.92
N ALA B 12 9.87 -28.74 18.10
CA ALA B 12 9.21 -29.39 19.20
C ALA B 12 7.79 -29.71 18.72
N LYS B 13 7.32 -30.93 18.97
CA LYS B 13 5.93 -31.38 18.69
C LYS B 13 4.95 -30.83 19.72
N PRO B 14 3.69 -30.57 19.29
CA PRO B 14 2.66 -30.01 20.20
C PRO B 14 2.56 -30.90 21.41
N GLY B 15 2.50 -30.33 22.61
CA GLY B 15 2.55 -31.09 23.86
C GLY B 15 3.94 -31.25 24.44
N GLY B 16 4.97 -31.07 23.65
CA GLY B 16 6.30 -31.25 24.14
C GLY B 16 6.79 -30.05 24.89
N SER B 17 8.07 -30.10 25.27
CA SER B 17 8.74 -29.02 26.03
C SER B 17 10.04 -28.65 25.41
N LEU B 18 10.42 -27.39 25.59
CA LEU B 18 11.82 -26.95 25.38
C LEU B 18 12.18 -26.00 26.48
N ARG B 19 13.44 -25.62 26.50
CA ARG B 19 13.99 -24.76 27.48
C ARG B 19 14.82 -23.73 26.75
N LEU B 20 14.66 -22.47 27.07
CA LEU B 20 15.54 -21.46 26.54
C LEU B 20 16.49 -21.08 27.59
N SER B 21 17.68 -20.64 27.20
CA SER B 21 18.62 -20.08 28.12
C SER B 21 19.08 -18.74 27.62
N CYS B 22 19.81 -18.03 28.43
CA CYS B 22 20.29 -16.77 28.01
C CYS B 22 21.37 -16.35 28.93
N ALA B 23 22.49 -15.94 28.37
CA ALA B 23 23.60 -15.49 29.15
C ALA B 23 23.72 -14.00 29.09
N ALA B 24 23.97 -13.40 30.24
CA ALA B 24 24.02 -11.98 30.34
C ALA B 24 25.36 -11.51 30.85
N SER B 25 25.68 -10.31 30.45
CA SER B 25 26.95 -9.79 30.57
C SER B 25 26.73 -8.31 30.36
N GLY B 26 27.48 -7.53 31.10
CA GLY B 26 27.63 -6.15 30.80
C GLY B 26 26.85 -5.22 31.64
N PHE B 27 26.21 -5.73 32.68
CA PHE B 27 25.37 -4.87 33.47
C PHE B 27 26.31 -4.09 34.33
N ARG B 28 25.98 -2.87 34.67
CA ARG B 28 26.82 -2.10 35.55
C ARG B 28 27.01 -2.74 36.90
N PHE B 29 25.92 -3.08 37.55
CA PHE B 29 25.95 -3.76 38.81
C PHE B 29 25.82 -5.19 38.53
N THR B 30 25.64 -5.99 39.52
CA THR B 30 25.69 -7.38 39.21
C THR B 30 24.35 -7.93 38.79
N PHE B 31 24.38 -8.97 37.98
CA PHE B 31 23.19 -9.55 37.41
C PHE B 31 22.05 -9.64 38.37
N ASN B 32 22.33 -9.94 39.61
CA ASN B 32 21.27 -10.17 40.56
C ASN B 32 20.53 -8.96 41.00
N ASN B 33 20.78 -7.84 40.36
CA ASN B 33 20.13 -6.60 40.71
C ASN B 33 19.10 -6.21 39.70
N TYR B 34 18.99 -6.99 38.65
CA TYR B 34 18.17 -6.64 37.51
C TYR B 34 16.98 -7.54 37.29
N TYR B 35 15.78 -7.00 37.24
CA TYR B 35 14.62 -7.82 36.78
C TYR B 35 14.81 -8.17 35.27
N MET B 36 14.23 -9.24 34.73
CA MET B 36 14.59 -9.70 33.40
C MET B 36 13.31 -10.22 32.70
N ASP B 37 13.29 -10.33 31.38
CA ASP B 37 12.03 -10.55 30.68
C ASP B 37 12.22 -11.50 29.47
N TRP B 38 11.14 -12.16 29.02
CA TRP B 38 11.14 -12.74 27.69
C TRP B 38 10.00 -12.11 26.92
N VAL B 39 10.32 -11.82 25.66
CA VAL B 39 9.35 -11.29 24.75
C VAL B 39 9.30 -12.19 23.61
N ARG B 40 8.21 -12.31 22.90
CA ARG B 40 8.25 -13.13 21.71
C ARG B 40 7.61 -12.47 20.50
N GLN B 41 7.89 -12.99 19.32
CA GLN B 41 7.33 -12.49 18.08
C GLN B 41 7.03 -13.57 17.07
N ALA B 42 5.77 -13.82 16.85
CA ALA B 42 5.33 -14.78 15.88
C ALA B 42 5.51 -14.30 14.48
N PRO B 43 5.60 -15.22 13.57
CA PRO B 43 5.75 -14.89 12.18
C PRO B 43 4.55 -14.16 11.67
N GLY B 44 4.79 -13.00 11.13
CA GLY B 44 3.72 -12.18 10.71
C GLY B 44 3.36 -11.09 11.67
N GLN B 45 3.73 -11.20 12.92
CA GLN B 45 3.17 -10.31 13.88
C GLN B 45 4.18 -9.52 14.58
N GLY B 46 3.72 -8.80 15.59
CA GLY B 46 4.53 -7.91 16.38
C GLY B 46 4.97 -8.52 17.67
N LEU B 47 5.42 -7.71 18.58
CA LEU B 47 5.91 -8.19 19.85
C LEU B 47 4.86 -8.52 20.87
N GLU B 48 5.10 -9.57 21.61
CA GLU B 48 4.24 -10.01 22.66
C GLU B 48 5.04 -10.35 23.89
N TRP B 49 4.78 -9.68 24.99
CA TRP B 49 5.54 -9.97 26.18
C TRP B 49 5.08 -11.34 26.74
N VAL B 50 6.03 -12.09 27.25
CA VAL B 50 5.83 -13.48 27.62
C VAL B 50 5.90 -13.61 29.15
N SER B 51 7.00 -13.14 29.76
CA SER B 51 7.16 -13.31 31.16
C SER B 51 8.20 -12.39 31.76
N ARG B 52 8.14 -12.17 33.05
CA ARG B 52 9.16 -11.38 33.77
C ARG B 52 9.59 -12.00 35.06
N ILE B 53 10.80 -11.74 35.50
CA ILE B 53 11.26 -12.27 36.75
C ILE B 53 11.96 -11.21 37.54
N SER B 54 11.84 -11.29 38.84
CA SER B 54 12.47 -10.34 39.70
C SER B 54 13.89 -10.72 39.90
N SER B 55 14.62 -9.88 40.58
CA SER B 55 16.03 -10.07 40.88
C SER B 55 16.42 -11.35 41.53
N SER B 56 15.67 -11.80 42.50
CA SER B 56 16.01 -12.96 43.26
C SER B 56 15.56 -14.19 42.59
N GLY B 57 14.48 -14.09 41.87
CA GLY B 57 13.81 -15.24 41.33
C GLY B 57 12.36 -15.24 41.72
N ASP B 58 11.98 -14.31 42.58
CA ASP B 58 10.64 -14.25 43.06
C ASP B 58 10.29 -12.85 43.36
N PRO B 59 9.19 -12.33 42.84
CA PRO B 59 8.16 -13.06 42.14
C PRO B 59 8.35 -13.13 40.66
N THR B 60 7.40 -13.74 40.00
CA THR B 60 7.38 -13.86 38.57
C THR B 60 6.09 -13.43 37.95
N TRP B 61 6.13 -12.85 36.76
CA TRP B 61 4.88 -12.47 36.02
C TRP B 61 4.74 -13.22 34.69
N TYR B 62 3.54 -13.53 34.27
CA TYR B 62 3.31 -14.25 33.04
C TYR B 62 2.20 -13.65 32.27
N ALA B 63 2.19 -13.87 30.97
CA ALA B 63 1.11 -13.45 30.12
C ALA B 63 0.05 -14.49 30.16
N ASP B 64 -1.22 -14.14 30.07
CA ASP B 64 -2.26 -15.15 30.19
C ASP B 64 -2.06 -16.18 29.16
N SER B 65 -1.50 -15.73 28.06
CA SER B 65 -1.18 -16.53 26.95
C SER B 65 -0.37 -17.77 27.28
N VAL B 66 0.49 -17.66 28.27
CA VAL B 66 1.42 -18.73 28.58
C VAL B 66 1.38 -19.19 30.01
N LYS B 67 0.54 -18.59 30.85
CA LYS B 67 0.44 -19.01 32.23
C LYS B 67 0.00 -20.44 32.37
N GLY B 68 0.67 -21.17 33.23
CA GLY B 68 0.38 -22.56 33.40
C GLY B 68 1.38 -23.48 32.79
N ARG B 69 1.91 -23.10 31.64
CA ARG B 69 2.71 -23.99 30.83
C ARG B 69 4.16 -23.64 30.78
N PHE B 70 4.45 -22.39 30.92
CA PHE B 70 5.79 -21.87 30.86
C PHE B 70 6.24 -21.45 32.23
N THR B 71 7.52 -21.57 32.51
CA THR B 71 8.10 -21.13 33.75
C THR B 71 9.43 -20.41 33.59
N ILE B 72 9.53 -19.26 34.21
CA ILE B 72 10.72 -18.47 34.16
C ILE B 72 11.56 -18.69 35.41
N SER B 73 12.86 -18.71 35.21
CA SER B 73 13.84 -18.90 36.28
C SER B 73 15.14 -18.18 35.98
N ARG B 74 16.10 -18.37 36.84
CA ARG B 74 17.21 -17.50 36.94
C ARG B 74 18.29 -18.22 37.68
N GLU B 75 19.54 -18.09 37.31
CA GLU B 75 20.60 -18.49 38.17
C GLU B 75 21.60 -17.41 38.28
N ASN B 76 21.50 -16.66 39.36
CA ASN B 76 22.31 -15.52 39.54
C ASN B 76 23.76 -15.87 39.62
N ALA B 77 24.14 -16.96 40.30
CA ALA B 77 25.55 -17.43 40.32
C ALA B 77 26.13 -17.52 38.91
N LYS B 78 25.28 -17.68 37.89
CA LYS B 78 25.76 -17.93 36.58
C LYS B 78 25.25 -16.93 35.57
N ASN B 79 24.61 -15.88 36.03
CA ASN B 79 24.28 -14.85 35.06
C ASN B 79 23.46 -15.47 33.94
N THR B 80 22.51 -16.35 34.27
CA THR B 80 21.71 -17.01 33.28
C THR B 80 20.26 -16.93 33.56
N LEU B 81 19.48 -16.83 32.50
CA LEU B 81 18.04 -16.67 32.61
C LEU B 81 17.43 -17.84 31.83
N PHE B 82 16.34 -18.42 32.31
CA PHE B 82 15.71 -19.62 31.60
C PHE B 82 14.25 -19.43 31.39
N LEU B 83 13.73 -20.17 30.41
CA LEU B 83 12.31 -20.30 30.13
C LEU B 83 11.99 -21.76 29.79
N GLN B 84 11.35 -22.43 30.75
CA GLN B 84 10.95 -23.80 30.55
C GLN B 84 9.60 -23.71 29.87
N MET B 85 9.45 -24.35 28.72
CA MET B 85 8.21 -24.22 27.99
C MET B 85 7.60 -25.59 27.89
N ASN B 86 6.58 -25.81 28.70
CA ASN B 86 5.88 -27.05 28.65
C ASN B 86 4.60 -26.90 27.93
N SER B 87 4.05 -28.04 27.53
CA SER B 87 2.74 -28.12 26.88
C SER B 87 2.70 -27.30 25.64
N LEU B 88 3.76 -27.41 24.83
CA LEU B 88 3.93 -26.53 23.69
C LEU B 88 2.71 -26.59 22.76
N ARG B 89 2.48 -25.53 22.01
CA ARG B 89 1.25 -25.43 21.24
C ARG B 89 1.61 -24.66 19.96
N ALA B 90 1.02 -25.00 18.81
CA ALA B 90 1.24 -24.26 17.50
C ALA B 90 1.44 -22.70 17.66
N GLU B 91 0.48 -22.12 18.38
CA GLU B 91 0.51 -20.71 18.74
C GLU B 91 1.84 -20.31 19.36
N ASP B 92 2.59 -21.20 19.98
CA ASP B 92 3.81 -20.77 20.64
C ASP B 92 4.99 -20.52 19.70
N THR B 93 4.80 -20.90 18.41
CA THR B 93 5.80 -20.74 17.36
C THR B 93 6.20 -19.27 17.19
N ALA B 94 7.42 -18.92 17.57
CA ALA B 94 7.83 -17.51 17.60
C ALA B 94 9.36 -17.42 17.67
N VAL B 95 9.87 -16.21 17.47
CA VAL B 95 11.22 -15.87 17.93
C VAL B 95 11.17 -15.28 19.34
N TYR B 96 12.01 -15.83 20.23
CA TYR B 96 11.95 -15.48 21.64
C TYR B 96 13.15 -14.62 22.05
N TYR B 97 12.87 -13.40 22.46
CA TYR B 97 13.92 -12.50 22.95
C TYR B 97 14.04 -12.55 24.47
N CYS B 98 15.20 -12.96 24.96
CA CYS B 98 15.72 -12.45 26.21
C CYS B 98 15.88 -10.93 26.17
N ALA B 99 15.24 -10.25 27.12
CA ALA B 99 15.18 -8.79 27.09
C ALA B 99 15.46 -8.20 28.47
N SER B 100 16.34 -7.21 28.52
CA SER B 100 16.54 -6.42 29.73
C SER B 100 15.85 -5.06 29.61
N LEU B 101 14.80 -4.87 30.39
CA LEU B 101 13.90 -3.73 30.20
C LEU B 101 14.07 -2.69 31.29
N THR B 102 15.05 -2.92 32.17
CA THR B 102 15.34 -1.96 33.28
C THR B 102 15.82 -0.61 32.73
N THR B 103 15.24 0.45 33.25
CA THR B 103 15.46 1.66 32.48
C THR B 103 16.91 2.00 32.73
N GLY B 104 17.59 2.42 31.67
CA GLY B 104 19.01 2.67 31.68
C GLY B 104 19.81 1.43 31.35
N SER B 105 19.22 0.24 31.25
CA SER B 105 20.03 -0.92 30.89
C SER B 105 19.33 -1.85 29.90
N ASP B 106 18.84 -1.26 28.82
CA ASP B 106 17.96 -1.93 27.92
C ASP B 106 18.71 -2.82 26.93
N SER B 107 18.35 -4.08 26.73
CA SER B 107 19.06 -4.88 25.72
C SER B 107 18.20 -6.03 25.29
N TRP B 108 18.30 -6.47 24.09
CA TRP B 108 17.53 -7.53 23.67
C TRP B 108 18.46 -8.50 23.09
N GLY B 109 18.34 -9.78 23.38
CA GLY B 109 19.12 -10.78 22.55
C GLY B 109 18.74 -10.82 21.08
N GLN B 110 19.41 -11.61 20.31
CA GLN B 110 19.18 -11.61 18.89
C GLN B 110 17.95 -12.35 18.60
N GLY B 111 17.67 -13.36 19.41
CA GLY B 111 16.40 -14.09 19.33
C GLY B 111 16.71 -15.51 19.06
N VAL B 112 15.82 -16.42 19.43
CA VAL B 112 15.98 -17.82 19.03
C VAL B 112 14.58 -18.35 18.65
N LEU B 113 14.54 -19.01 17.50
CA LEU B 113 13.32 -19.49 16.90
C LEU B 113 12.83 -20.76 17.59
N VAL B 114 11.53 -20.84 17.83
CA VAL B 114 10.91 -22.03 18.37
C VAL B 114 9.77 -22.39 17.38
N THR B 115 9.79 -23.64 16.92
CA THR B 115 8.76 -24.13 16.06
C THR B 115 8.00 -25.28 16.70
N VAL B 116 6.69 -25.03 16.97
CA VAL B 116 5.81 -26.10 17.45
C VAL B 116 5.12 -26.74 16.25
N SER B 117 5.49 -27.98 15.92
CA SER B 117 4.88 -28.75 14.80
C SER B 117 5.08 -30.26 14.85
N SER B 118 4.10 -30.98 14.31
CA SER B 118 4.31 -32.42 14.07
C SER B 118 5.17 -32.81 12.85
N ALA B 119 5.39 -31.93 11.85
CA ALA B 119 6.39 -32.22 10.78
C ALA B 119 7.78 -32.41 11.42
N SER B 120 8.58 -33.30 10.84
CA SER B 120 9.97 -33.52 11.34
C SER B 120 11.07 -32.83 10.47
N THR B 121 12.27 -32.73 11.06
CA THR B 121 13.39 -32.05 10.46
C THR B 121 13.71 -32.56 9.07
N LYS B 122 14.11 -31.66 8.18
CA LYS B 122 14.48 -32.07 6.86
C LYS B 122 15.42 -31.08 6.24
N GLY B 123 16.51 -31.64 5.77
CA GLY B 123 17.55 -30.95 5.11
C GLY B 123 17.11 -30.61 3.70
N PRO B 124 17.60 -29.47 3.22
CA PRO B 124 17.23 -28.91 1.95
C PRO B 124 17.87 -29.64 0.78
N SER B 125 17.37 -29.44 -0.43
CA SER B 125 18.09 -29.77 -1.66
C SER B 125 18.53 -28.43 -2.11
N VAL B 126 19.70 -28.34 -2.74
CA VAL B 126 20.21 -27.03 -3.19
C VAL B 126 20.50 -27.21 -4.65
N PHE B 127 19.65 -26.66 -5.53
CA PHE B 127 19.85 -26.66 -6.98
C PHE B 127 20.27 -25.27 -7.42
N PRO B 128 21.16 -25.17 -8.43
CA PRO B 128 21.71 -23.87 -8.81
C PRO B 128 20.79 -23.14 -9.73
N LEU B 129 20.73 -21.83 -9.62
CA LEU B 129 20.06 -21.02 -10.62
C LEU B 129 21.16 -20.52 -11.55
N ALA B 130 21.19 -21.09 -12.75
CA ALA B 130 22.35 -20.97 -13.68
C ALA B 130 22.34 -19.64 -14.40
N PRO B 131 23.47 -18.95 -14.38
CA PRO B 131 23.63 -17.72 -15.16
C PRO B 131 23.62 -17.99 -16.66
N SER B 132 22.99 -17.10 -17.43
CA SER B 132 22.45 -17.46 -18.73
C SER B 132 21.86 -16.24 -19.43
N SER B 133 20.60 -16.35 -19.84
CA SER B 133 19.73 -15.17 -19.93
C SER B 133 19.22 -14.77 -18.55
N LYS B 134 20.06 -14.94 -17.54
CA LYS B 134 19.93 -14.18 -16.31
C LYS B 134 20.72 -12.87 -16.38
N SER B 135 20.60 -12.19 -17.50
CA SER B 135 21.56 -11.09 -17.86
C SER B 135 20.96 -9.71 -18.11
N GLY B 138 22.44 -6.57 -18.36
CA GLY B 138 23.05 -6.61 -19.69
C GLY B 138 24.33 -5.79 -19.75
N GLY B 139 25.48 -6.47 -19.61
CA GLY B 139 26.62 -5.87 -18.92
C GLY B 139 26.61 -6.44 -17.49
N THR B 140 25.44 -6.91 -17.00
CA THR B 140 25.37 -7.66 -15.75
C THR B 140 24.80 -9.09 -15.92
N ALA B 141 25.26 -10.00 -15.03
CA ALA B 141 24.76 -11.37 -14.93
C ALA B 141 24.18 -11.64 -13.54
N ALA B 142 23.09 -12.41 -13.46
CA ALA B 142 22.54 -12.85 -12.16
C ALA B 142 22.61 -14.35 -12.09
N LEU B 143 23.05 -14.83 -10.93
CA LEU B 143 23.07 -16.26 -10.64
C LEU B 143 22.69 -16.45 -9.21
N GLY B 144 22.37 -17.68 -8.86
CA GLY B 144 21.90 -17.92 -7.51
C GLY B 144 21.83 -19.40 -7.17
N CYS B 145 21.18 -19.66 -6.02
CA CYS B 145 20.94 -21.01 -5.43
C CYS B 145 19.49 -21.19 -5.00
N LEU B 146 18.91 -22.31 -5.39
CA LEU B 146 17.55 -22.55 -4.98
C LEU B 146 17.62 -23.51 -3.79
N VAL B 147 17.44 -22.98 -2.58
CA VAL B 147 17.52 -23.79 -1.38
C VAL B 147 16.12 -24.31 -1.02
N LYS B 148 15.87 -25.59 -1.32
CA LYS B 148 14.48 -26.05 -1.46
C LYS B 148 14.03 -27.27 -0.59
N ASP B 149 12.84 -27.16 0.01
CA ASP B 149 12.19 -28.24 0.79
C ASP B 149 12.89 -28.63 2.11
N TYR B 150 12.84 -27.74 3.09
CA TYR B 150 13.52 -28.00 4.35
C TYR B 150 12.66 -27.61 5.53
N PHE B 151 13.01 -28.18 6.68
CA PHE B 151 12.21 -27.91 7.90
C PHE B 151 12.99 -28.18 9.23
N PRO B 152 12.86 -27.29 10.22
CA PRO B 152 12.17 -26.04 10.29
C PRO B 152 13.08 -24.94 9.73
N GLU B 153 12.76 -23.66 9.99
CA GLU B 153 13.71 -22.62 9.66
C GLU B 153 14.83 -22.75 10.68
N PRO B 154 15.96 -22.06 10.45
CA PRO B 154 16.44 -21.35 9.32
C PRO B 154 17.48 -22.16 8.59
N VAL B 155 17.88 -21.63 7.45
CA VAL B 155 19.09 -22.03 6.78
C VAL B 155 19.87 -20.77 6.66
N THR B 156 21.17 -20.84 6.52
CA THR B 156 21.96 -19.68 6.17
C THR B 156 22.60 -19.96 4.79
N VAL B 157 22.83 -18.89 4.04
CA VAL B 157 23.45 -18.97 2.74
C VAL B 157 24.63 -17.99 2.77
N SER B 158 25.79 -18.41 2.31
CA SER B 158 26.92 -17.52 2.18
C SER B 158 27.39 -17.81 0.75
N TRP B 159 28.25 -16.94 0.16
CA TRP B 159 28.74 -17.12 -1.21
C TRP B 159 30.25 -17.01 -1.24
N ASN B 160 30.87 -18.14 -1.61
CA ASN B 160 32.32 -18.30 -1.55
C ASN B 160 32.84 -18.04 -0.15
N SER B 161 32.04 -18.41 0.86
CA SER B 161 32.46 -18.41 2.27
C SER B 161 32.65 -16.99 2.81
N GLY B 162 31.69 -16.13 2.48
CA GLY B 162 31.67 -14.73 2.93
C GLY B 162 32.54 -13.76 2.16
N ALA B 163 33.30 -14.25 1.17
CA ALA B 163 34.17 -13.39 0.37
C ALA B 163 33.32 -12.43 -0.43
N LEU B 164 32.17 -12.93 -0.93
CA LEU B 164 31.31 -12.18 -1.85
C LEU B 164 30.01 -11.82 -1.18
N THR B 165 29.96 -10.60 -0.69
CA THR B 165 28.74 -10.05 -0.11
C THR B 165 28.13 -9.02 -1.08
N SER B 166 28.94 -8.29 -1.83
CA SER B 166 28.42 -7.40 -2.87
C SER B 166 27.43 -8.01 -3.87
N GLY B 167 26.19 -7.51 -3.75
CA GLY B 167 25.13 -7.71 -4.75
C GLY B 167 24.24 -8.88 -4.43
N VAL B 168 24.42 -9.42 -3.21
CA VAL B 168 23.70 -10.57 -2.70
C VAL B 168 22.39 -10.19 -2.04
N HIS B 169 21.38 -10.98 -2.34
CA HIS B 169 20.02 -10.75 -1.90
C HIS B 169 19.64 -12.16 -1.57
N THR B 170 19.47 -12.48 -0.30
CA THR B 170 18.88 -13.78 0.10
C THR B 170 17.39 -13.56 0.44
N PHE B 171 16.49 -14.24 -0.25
CA PHE B 171 15.09 -14.00 -0.06
C PHE B 171 14.54 -14.61 1.25
N PRO B 172 13.59 -13.92 1.91
CA PRO B 172 12.91 -14.56 3.03
C PRO B 172 12.37 -15.91 2.62
N ALA B 173 12.40 -16.89 3.51
CA ALA B 173 11.82 -18.25 3.22
C ALA B 173 10.27 -18.21 2.97
N VAL B 174 9.71 -19.02 2.04
CA VAL B 174 8.26 -19.19 2.00
C VAL B 174 7.91 -20.60 2.29
N LEU B 175 6.77 -20.77 2.91
CA LEU B 175 6.22 -22.04 3.29
C LEU B 175 5.44 -22.54 2.11
N GLN B 176 5.75 -23.74 1.65
CA GLN B 176 5.07 -24.33 0.55
C GLN B 176 3.85 -25.09 1.01
N SER B 177 2.96 -25.39 0.08
CA SER B 177 1.72 -26.09 0.43
C SER B 177 2.00 -27.51 0.94
N SER B 178 3.18 -28.04 0.57
CA SER B 178 3.70 -29.29 1.17
C SER B 178 4.05 -29.18 2.64
N GLY B 179 3.97 -28.00 3.24
CA GLY B 179 4.43 -27.89 4.61
C GLY B 179 5.93 -27.66 4.79
N LEU B 180 6.69 -27.78 3.71
CA LEU B 180 8.13 -27.46 3.76
C LEU B 180 8.50 -26.05 3.23
N TYR B 181 9.64 -25.53 3.68
CA TYR B 181 10.07 -24.22 3.22
C TYR B 181 10.95 -24.24 2.00
N SER B 182 10.97 -23.07 1.38
CA SER B 182 11.89 -22.82 0.34
C SER B 182 12.26 -21.33 0.23
N LEU B 183 13.48 -21.10 -0.28
CA LEU B 183 14.03 -19.77 -0.56
C LEU B 183 15.08 -19.85 -1.71
N SER B 184 15.40 -18.67 -2.24
CA SER B 184 16.46 -18.53 -3.16
C SER B 184 17.44 -17.57 -2.63
N SER B 185 18.68 -17.71 -3.07
CA SER B 185 19.69 -16.69 -2.84
C SER B 185 20.29 -16.31 -4.13
N VAL B 186 20.55 -15.04 -4.36
CA VAL B 186 21.05 -14.62 -5.63
C VAL B 186 22.11 -13.56 -5.55
N VAL B 187 22.99 -13.49 -6.54
CA VAL B 187 24.00 -12.42 -6.62
C VAL B 187 24.22 -11.94 -8.08
N THR B 188 24.31 -10.64 -8.24
CA THR B 188 24.58 -10.01 -9.53
C THR B 188 26.08 -9.73 -9.52
N VAL B 189 26.76 -10.21 -10.56
CA VAL B 189 28.21 -10.17 -10.70
C VAL B 189 28.48 -9.68 -12.11
N PRO B 190 29.71 -9.18 -12.35
CA PRO B 190 30.08 -8.59 -13.63
C PRO B 190 30.00 -9.64 -14.69
N SER B 191 29.29 -9.35 -15.77
CA SER B 191 29.09 -10.35 -16.82
C SER B 191 30.36 -11.08 -17.18
N SER B 192 31.29 -10.38 -17.85
CA SER B 192 32.56 -10.92 -18.32
C SER B 192 33.30 -11.79 -17.27
N SER B 193 33.09 -11.56 -15.99
CA SER B 193 33.79 -12.37 -14.96
C SER B 193 33.38 -13.86 -14.91
N LEU B 194 32.27 -14.26 -15.55
CA LEU B 194 31.81 -15.65 -15.41
C LEU B 194 32.79 -16.55 -16.10
N GLY B 195 33.80 -15.94 -16.71
CA GLY B 195 34.92 -16.61 -17.34
C GLY B 195 35.18 -18.00 -16.82
N THR B 196 36.06 -18.26 -15.84
CA THR B 196 37.10 -17.43 -15.19
C THR B 196 36.81 -17.56 -13.70
N GLN B 197 35.72 -16.97 -13.22
CA GLN B 197 35.52 -16.83 -11.77
C GLN B 197 34.50 -17.86 -11.24
N THR B 198 34.85 -18.54 -10.14
CA THR B 198 33.98 -19.59 -9.56
C THR B 198 33.05 -19.02 -8.54
N TYR B 199 31.80 -19.46 -8.60
CA TYR B 199 30.77 -18.98 -7.68
C TYR B 199 30.16 -20.20 -7.01
N ILE B 200 30.53 -20.42 -5.74
CA ILE B 200 30.02 -21.52 -4.91
C ILE B 200 29.14 -20.92 -3.81
N CYS B 201 27.93 -21.44 -3.67
CA CYS B 201 27.14 -21.01 -2.55
C CYS B 201 27.15 -22.09 -1.48
N ASN B 202 26.99 -21.66 -0.26
CA ASN B 202 27.16 -22.51 0.91
C ASN B 202 25.88 -22.54 1.68
N VAL B 203 25.13 -23.65 1.63
CA VAL B 203 23.88 -23.74 2.42
C VAL B 203 24.11 -24.48 3.74
N ASN B 204 23.46 -24.02 4.78
CA ASN B 204 23.66 -24.58 6.07
C ASN B 204 22.35 -24.66 6.85
N HIS B 205 22.08 -25.88 7.31
CA HIS B 205 20.85 -26.19 8.02
C HIS B 205 21.17 -26.91 9.29
N LYS B 206 21.38 -26.13 10.35
CA LYS B 206 21.77 -26.60 11.65
C LYS B 206 20.77 -27.64 12.14
N PRO B 207 19.47 -27.41 11.91
CA PRO B 207 18.52 -28.47 12.34
C PRO B 207 18.63 -29.82 11.64
N SER B 208 19.27 -29.95 10.47
CA SER B 208 19.50 -31.30 9.97
C SER B 208 20.99 -31.67 10.15
N ASN B 209 21.72 -30.82 10.88
CA ASN B 209 23.16 -30.89 10.90
C ASN B 209 23.73 -31.03 9.43
N THR B 210 23.13 -30.31 8.46
CA THR B 210 23.55 -30.29 7.04
C THR B 210 24.33 -29.05 6.61
N LYS B 211 25.22 -29.29 5.66
CA LYS B 211 25.99 -28.32 4.95
C LYS B 211 26.10 -28.84 3.55
N VAL B 212 25.67 -28.05 2.58
CA VAL B 212 26.02 -28.28 1.19
C VAL B 212 26.78 -27.05 0.67
N ASP B 213 27.78 -27.29 -0.16
CA ASP B 213 28.45 -26.23 -0.92
C ASP B 213 28.20 -26.53 -2.34
N LYS B 214 27.86 -25.54 -3.15
CA LYS B 214 27.60 -25.81 -4.56
C LYS B 214 28.05 -24.72 -5.53
N LYS B 215 28.82 -25.15 -6.55
CA LYS B 215 29.31 -24.29 -7.63
C LYS B 215 28.15 -24.13 -8.59
N VAL B 216 27.76 -22.88 -8.81
CA VAL B 216 26.79 -22.57 -9.84
C VAL B 216 27.62 -22.48 -11.13
N GLU B 217 27.03 -22.62 -12.30
CA GLU B 217 27.80 -22.44 -13.53
C GLU B 217 26.98 -22.19 -14.81
N PRO B 218 27.55 -21.42 -15.73
CA PRO B 218 26.86 -20.90 -16.93
C PRO B 218 25.99 -21.84 -17.83
N LYS B 219 25.18 -21.21 -18.70
CA LYS B 219 24.37 -21.90 -19.70
C LYS B 219 24.23 -21.08 -20.99
N GLU C 1 -21.17 33.60 1.97
CA GLU C 1 -20.48 32.28 2.02
C GLU C 1 -20.05 32.27 0.55
N VAL C 2 -18.84 32.76 0.28
CA VAL C 2 -18.34 32.89 -1.06
C VAL C 2 -18.62 31.65 -1.93
N GLN C 3 -19.14 31.84 -3.14
CA GLN C 3 -19.34 30.76 -4.05
C GLN C 3 -18.88 31.06 -5.47
N LEU C 4 -18.30 30.05 -6.06
CA LEU C 4 -17.68 30.14 -7.34
C LEU C 4 -18.33 29.15 -8.28
N VAL C 5 -18.85 29.57 -9.41
CA VAL C 5 -19.25 28.60 -10.43
C VAL C 5 -18.48 28.75 -11.73
N GLU C 6 -17.84 27.72 -12.22
CA GLU C 6 -17.15 27.83 -13.50
C GLU C 6 -17.80 27.24 -14.77
N SER C 7 -17.36 27.72 -15.91
CA SER C 7 -17.81 27.28 -17.22
C SER C 7 -16.62 27.66 -18.05
N GLY C 8 -16.30 27.03 -19.18
CA GLY C 8 -16.96 25.92 -19.80
C GLY C 8 -16.62 24.54 -19.28
N GLY C 9 -15.53 23.91 -19.69
CA GLY C 9 -14.54 24.45 -20.58
C GLY C 9 -14.24 23.45 -21.66
N GLY C 10 -14.17 22.17 -21.34
CA GLY C 10 -14.28 21.13 -22.35
C GLY C 10 -13.11 20.44 -23.02
N LEU C 11 -13.30 20.05 -24.27
CA LEU C 11 -12.32 19.27 -25.00
C LEU C 11 -11.69 20.13 -26.05
N ALA C 12 -10.49 19.80 -26.46
CA ALA C 12 -9.83 20.63 -27.43
C ALA C 12 -8.57 20.00 -27.93
N LYS C 13 -8.07 20.54 -29.02
CA LYS C 13 -6.94 19.94 -29.69
C LYS C 13 -5.69 20.72 -29.45
N PRO C 14 -4.61 20.02 -29.40
CA PRO C 14 -3.33 20.66 -29.20
C PRO C 14 -3.16 21.84 -30.12
N GLY C 15 -3.04 23.02 -29.57
CA GLY C 15 -2.92 24.21 -30.35
C GLY C 15 -4.22 24.92 -30.15
N GLY C 16 -5.22 24.13 -29.83
CA GLY C 16 -6.52 24.65 -29.59
C GLY C 16 -6.51 25.78 -28.60
N SER C 17 -7.69 26.26 -28.28
CA SER C 17 -7.86 27.36 -27.38
C SER C 17 -9.10 27.06 -26.61
N LEU C 18 -9.15 27.45 -25.35
CA LEU C 18 -10.37 27.31 -24.58
C LEU C 18 -10.48 28.49 -23.68
N ARG C 19 -11.69 28.90 -23.36
CA ARG C 19 -11.85 29.94 -22.40
C ARG C 19 -12.64 29.42 -21.22
N LEU C 20 -12.38 29.96 -20.05
CA LEU C 20 -13.01 29.55 -18.83
C LEU C 20 -13.54 30.76 -18.12
N SER C 21 -14.69 30.62 -17.53
CA SER C 21 -15.19 31.69 -16.75
C SER C 21 -15.66 31.17 -15.45
N CYS C 22 -15.78 32.07 -14.51
CA CYS C 22 -16.19 31.75 -13.18
C CYS C 22 -17.04 32.89 -12.62
N ALA C 23 -18.19 32.60 -12.04
CA ALA C 23 -19.10 33.64 -11.49
C ALA C 23 -18.89 33.65 -10.00
N ALA C 24 -18.67 34.81 -9.39
CA ALA C 24 -18.29 34.84 -7.96
C ALA C 24 -19.42 35.47 -7.25
N SER C 25 -19.74 35.01 -6.05
CA SER C 25 -20.81 35.61 -5.20
C SER C 25 -20.52 35.28 -3.77
N GLY C 26 -21.24 35.86 -2.85
CA GLY C 26 -21.03 35.57 -1.47
C GLY C 26 -19.99 36.39 -0.73
N PHE C 27 -19.34 37.32 -1.41
CA PHE C 27 -18.32 38.17 -0.83
C PHE C 27 -18.95 39.23 -0.01
N ARG C 28 -18.24 39.68 1.00
CA ARG C 28 -18.77 40.55 2.01
C ARG C 28 -18.72 41.98 1.61
N PHE C 29 -17.70 42.32 0.85
CA PHE C 29 -17.61 43.55 0.15
C PHE C 29 -17.61 43.21 -1.29
N THR C 30 -17.21 44.15 -2.09
CA THR C 30 -17.45 44.12 -3.49
C THR C 30 -16.35 43.35 -4.22
N PHE C 31 -16.69 42.55 -5.22
CA PHE C 31 -15.76 41.70 -5.93
C PHE C 31 -14.49 42.44 -6.17
N ASN C 32 -14.62 43.74 -6.15
CA ASN C 32 -13.61 44.67 -6.55
C ASN C 32 -12.42 44.57 -5.71
N ASN C 33 -12.60 44.02 -4.53
CA ASN C 33 -11.67 44.16 -3.48
C ASN C 33 -10.93 42.88 -3.21
N TYR C 34 -11.02 41.91 -4.10
CA TYR C 34 -10.48 40.60 -3.81
C TYR C 34 -9.62 40.09 -4.90
N TYR C 35 -8.47 39.51 -4.55
CA TYR C 35 -7.57 38.86 -5.57
C TYR C 35 -8.14 37.48 -5.89
N MET C 36 -8.03 36.97 -7.10
CA MET C 36 -8.66 35.69 -7.48
C MET C 36 -7.58 34.87 -8.09
N ASP C 37 -7.72 33.56 -8.06
CA ASP C 37 -6.75 32.62 -8.62
C ASP C 37 -7.32 31.53 -9.43
N TRP C 38 -6.48 30.87 -10.18
CA TRP C 38 -6.89 29.62 -10.71
C TRP C 38 -5.85 28.67 -10.25
N VAL C 39 -6.28 27.43 -10.06
CA VAL C 39 -5.45 26.35 -9.64
C VAL C 39 -5.92 25.17 -10.46
N ARG C 40 -5.05 24.22 -10.75
CA ARG C 40 -5.44 23.06 -11.54
C ARG C 40 -5.01 21.69 -11.03
N GLN C 41 -5.54 20.63 -11.58
CA GLN C 41 -5.16 19.31 -11.17
C GLN C 41 -5.18 18.28 -12.27
N ALA C 42 -4.03 17.86 -12.75
CA ALA C 42 -4.02 16.82 -13.72
C ALA C 42 -4.49 15.56 -13.04
N PRO C 43 -4.94 14.63 -13.83
CA PRO C 43 -5.48 13.38 -13.34
C PRO C 43 -4.44 12.53 -12.65
N GLY C 44 -4.79 12.05 -11.47
CA GLY C 44 -3.89 11.22 -10.69
C GLY C 44 -2.79 11.92 -9.96
N GLN C 45 -2.74 13.24 -10.09
CA GLN C 45 -1.70 14.06 -9.54
C GLN C 45 -2.29 15.03 -8.56
N GLY C 46 -1.48 15.97 -8.09
CA GLY C 46 -1.91 16.93 -7.10
C GLY C 46 -2.17 18.34 -7.59
N LEU C 47 -2.49 19.23 -6.69
CA LEU C 47 -2.80 20.60 -7.01
C LEU C 47 -1.62 21.41 -7.49
N GLU C 48 -1.88 22.33 -8.40
CA GLU C 48 -0.87 23.13 -9.05
C GLU C 48 -1.44 24.47 -9.41
N TRP C 49 -0.93 25.51 -8.81
CA TRP C 49 -1.46 26.81 -9.05
C TRP C 49 -1.21 27.23 -10.48
N VAL C 50 -2.09 28.03 -11.04
CA VAL C 50 -1.98 28.39 -12.43
C VAL C 50 -1.80 29.89 -12.60
N SER C 51 -2.66 30.68 -12.00
CA SER C 51 -2.62 32.08 -12.24
C SER C 51 -3.27 32.84 -11.13
N ARG C 52 -2.89 34.09 -10.93
CA ARG C 52 -3.52 34.95 -9.97
C ARG C 52 -3.74 36.33 -10.52
N ILE C 53 -4.85 36.94 -10.23
CA ILE C 53 -5.11 38.24 -10.72
C ILE C 53 -5.51 39.10 -9.58
N SER C 54 -5.02 40.30 -9.53
CA SER C 54 -5.38 41.14 -8.44
C SER C 54 -6.70 41.85 -8.62
N SER C 55 -7.08 42.59 -7.60
CA SER C 55 -8.36 43.25 -7.53
C SER C 55 -8.78 43.95 -8.76
N SER C 56 -7.90 44.76 -9.29
CA SER C 56 -8.19 45.68 -10.36
C SER C 56 -8.03 45.06 -11.68
N GLY C 57 -7.09 44.13 -11.79
CA GLY C 57 -6.71 43.54 -13.03
C GLY C 57 -5.22 43.60 -13.25
N ASP C 58 -4.51 44.34 -12.40
CA ASP C 58 -3.09 44.59 -12.56
C ASP C 58 -2.42 44.70 -11.23
N PRO C 59 -1.54 43.79 -10.89
CA PRO C 59 -0.90 42.89 -11.82
C PRO C 59 -1.58 41.56 -12.02
N THR C 60 -0.99 40.72 -12.83
CA THR C 60 -1.40 39.36 -12.93
C THR C 60 -0.15 38.44 -12.68
N TRP C 61 -0.35 37.15 -12.37
CA TRP C 61 0.79 36.26 -12.19
C TRP C 61 0.49 34.97 -12.84
N TYR C 62 1.52 34.26 -13.22
CA TYR C 62 1.39 33.04 -13.95
C TYR C 62 2.45 32.06 -13.57
N ALA C 63 2.16 30.79 -13.76
CA ALA C 63 3.07 29.73 -13.45
C ALA C 63 3.96 29.51 -14.64
N ASP C 64 5.20 29.15 -14.41
CA ASP C 64 6.11 29.08 -15.51
C ASP C 64 5.57 28.23 -16.61
N SER C 65 4.73 27.28 -16.30
CA SER C 65 4.29 26.31 -17.29
C SER C 65 3.20 26.75 -18.22
N VAL C 66 2.63 27.91 -17.96
CA VAL C 66 1.56 28.39 -18.77
C VAL C 66 1.83 29.82 -19.16
N LYS C 67 2.95 30.34 -18.73
CA LYS C 67 3.32 31.68 -19.11
C LYS C 67 3.46 31.73 -20.61
N GLY C 68 2.88 32.75 -21.19
CA GLY C 68 2.89 32.91 -22.61
C GLY C 68 1.57 32.59 -23.20
N ARG C 69 0.97 31.51 -22.75
CA ARG C 69 -0.20 30.95 -23.36
C ARG C 69 -1.52 31.23 -22.70
N PHE C 70 -1.50 31.51 -21.40
CA PHE C 70 -2.72 31.72 -20.66
C PHE C 70 -2.87 33.16 -20.29
N THR C 71 -4.08 33.67 -20.32
CA THR C 71 -4.37 35.02 -19.90
C THR C 71 -5.48 35.02 -18.88
N ILE C 72 -5.25 35.65 -17.75
CA ILE C 72 -6.26 35.80 -16.74
C ILE C 72 -6.85 37.20 -16.80
N SER C 73 -8.15 37.32 -16.70
CA SER C 73 -8.80 38.60 -16.77
C SER C 73 -10.05 38.56 -15.96
N ARG C 74 -10.64 39.70 -15.73
CA ARG C 74 -11.78 39.74 -14.89
C ARG C 74 -12.58 40.93 -15.26
N GLU C 75 -13.88 40.86 -15.06
CA GLU C 75 -14.73 42.02 -15.26
C GLU C 75 -15.45 42.25 -13.99
N ASN C 76 -15.13 43.28 -13.26
CA ASN C 76 -15.72 43.45 -11.98
C ASN C 76 -17.16 43.85 -12.02
N ALA C 77 -17.49 44.66 -12.98
CA ALA C 77 -18.83 45.14 -13.14
C ALA C 77 -19.79 43.99 -13.08
N LYS C 78 -19.32 42.85 -13.51
CA LYS C 78 -20.17 41.71 -13.65
C LYS C 78 -19.71 40.47 -12.92
N ASN C 79 -18.96 40.63 -11.85
CA ASN C 79 -18.37 39.53 -11.08
C ASN C 79 -17.91 38.31 -11.83
N THR C 80 -17.15 38.47 -12.87
CA THR C 80 -16.70 37.32 -13.58
C THR C 80 -15.19 37.26 -13.62
N LEU C 81 -14.66 36.07 -13.70
CA LEU C 81 -13.28 35.93 -13.83
C LEU C 81 -13.13 34.97 -14.99
N PHE C 82 -12.07 35.20 -15.77
CA PHE C 82 -11.81 34.43 -16.98
C PHE C 82 -10.41 33.90 -17.03
N LEU C 83 -10.24 32.79 -17.77
CA LEU C 83 -8.92 32.20 -18.08
C LEU C 83 -8.93 31.85 -19.57
N GLN C 84 -8.13 32.57 -20.34
CA GLN C 84 -8.09 32.33 -21.75
C GLN C 84 -6.94 31.32 -21.92
N MET C 85 -7.20 30.17 -22.52
CA MET C 85 -6.12 29.20 -22.69
C MET C 85 -5.79 28.90 -24.14
N ASN C 86 -4.66 29.42 -24.57
CA ASN C 86 -4.21 29.23 -25.93
C ASN C 86 -3.01 28.32 -26.00
N SER C 87 -2.79 27.75 -27.17
CA SER C 87 -1.75 26.77 -27.37
C SER C 87 -1.85 25.61 -26.44
N LEU C 88 -3.02 25.08 -26.25
CA LEU C 88 -3.16 24.03 -25.31
C LEU C 88 -2.11 23.01 -25.58
N ARG C 89 -1.90 22.10 -24.65
CA ARG C 89 -0.92 21.06 -24.79
C ARG C 89 -1.53 19.86 -24.16
N ALA C 90 -0.86 18.73 -24.17
CA ALA C 90 -1.46 17.56 -23.58
C ALA C 90 -1.40 17.67 -22.08
N GLU C 91 -0.30 18.23 -21.60
CA GLU C 91 -0.05 18.42 -20.19
C GLU C 91 -1.01 19.35 -19.56
N ASP C 92 -1.78 20.06 -20.36
CA ASP C 92 -2.63 21.08 -19.83
C ASP C 92 -3.89 20.42 -19.34
N THR C 93 -4.06 19.18 -19.72
CA THR C 93 -5.22 18.41 -19.31
C THR C 93 -5.41 18.38 -17.81
N ALA C 94 -6.57 18.79 -17.34
CA ALA C 94 -6.79 18.82 -15.94
C ALA C 94 -8.18 19.28 -15.59
N VAL C 95 -8.46 19.29 -14.31
CA VAL C 95 -9.62 19.91 -13.79
C VAL C 95 -9.14 21.26 -13.38
N TYR C 96 -9.87 22.30 -13.74
CA TYR C 96 -9.47 23.64 -13.40
C TYR C 96 -10.40 24.23 -12.40
N TYR C 97 -9.84 24.75 -11.34
CA TYR C 97 -10.62 25.39 -10.26
C TYR C 97 -10.37 26.87 -10.17
N CYS C 98 -11.45 27.54 -10.03
CA CYS C 98 -11.49 28.91 -9.71
C CYS C 98 -11.43 29.04 -8.15
N ALA C 99 -10.57 29.88 -7.58
CA ALA C 99 -10.41 29.91 -6.14
C ALA C 99 -10.18 31.31 -5.60
N SER C 100 -10.70 31.51 -4.44
CA SER C 100 -10.60 32.72 -3.71
C SER C 100 -9.76 32.29 -2.55
N LEU C 101 -8.48 32.68 -2.53
CA LEU C 101 -7.62 32.33 -1.38
C LEU C 101 -7.38 33.51 -0.38
N THR C 102 -8.08 34.64 -0.54
CA THR C 102 -8.00 35.72 0.43
C THR C 102 -8.40 35.15 1.79
N THR C 103 -7.59 35.40 2.77
CA THR C 103 -7.96 34.84 4.04
C THR C 103 -9.17 35.53 4.62
N GLY C 104 -10.05 34.69 5.06
CA GLY C 104 -11.28 35.07 5.52
C GLY C 104 -12.38 34.73 4.54
N SER C 105 -12.02 34.48 3.26
CA SER C 105 -12.96 34.26 2.12
C SER C 105 -12.57 33.11 1.20
N ASP C 106 -12.19 32.01 1.78
CA ASP C 106 -11.60 30.92 1.05
C ASP C 106 -12.69 30.13 0.41
N SER C 107 -12.64 29.89 -0.89
CA SER C 107 -13.61 29.06 -1.50
C SER C 107 -13.11 28.63 -2.82
N TRP C 108 -13.50 27.45 -3.25
CA TRP C 108 -13.05 26.88 -4.47
C TRP C 108 -14.28 26.49 -5.23
N GLY C 109 -14.30 26.62 -6.54
CA GLY C 109 -15.44 26.07 -7.25
C GLY C 109 -15.26 24.57 -7.38
N GLN C 110 -16.31 23.94 -7.89
CA GLN C 110 -16.37 22.54 -8.24
C GLN C 110 -15.31 22.14 -9.20
N GLY C 111 -14.95 23.00 -10.11
CA GLY C 111 -13.92 22.57 -11.09
C GLY C 111 -14.58 22.09 -12.38
N VAL C 112 -13.97 22.49 -13.47
CA VAL C 112 -14.37 22.12 -14.78
C VAL C 112 -13.17 21.29 -15.46
N LEU C 113 -13.52 20.21 -16.12
CA LEU C 113 -12.52 19.30 -16.68
C LEU C 113 -12.06 19.86 -18.02
N VAL C 114 -10.76 19.93 -18.25
CA VAL C 114 -10.26 20.29 -19.58
C VAL C 114 -9.36 19.18 -20.07
N THR C 115 -9.68 18.68 -21.28
CA THR C 115 -9.02 17.54 -21.86
C THR C 115 -8.54 17.93 -23.20
N VAL C 116 -7.22 18.03 -23.36
CA VAL C 116 -6.63 18.54 -24.61
C VAL C 116 -6.21 17.30 -25.30
N SER C 117 -6.73 17.07 -26.51
CA SER C 117 -6.41 15.85 -27.25
C SER C 117 -6.83 15.85 -28.71
N SER C 118 -6.30 14.93 -29.50
CA SER C 118 -6.70 14.82 -30.93
C SER C 118 -7.98 14.01 -31.15
N ALA C 119 -8.27 13.04 -30.28
CA ALA C 119 -9.52 12.27 -30.36
C ALA C 119 -10.74 13.18 -30.52
N SER C 120 -11.62 12.77 -31.41
CA SER C 120 -12.88 13.45 -31.57
C SER C 120 -13.83 12.82 -30.55
N THR C 121 -15.00 13.40 -30.42
CA THR C 121 -15.90 13.09 -29.32
C THR C 121 -16.75 11.89 -29.61
N LYS C 122 -17.28 11.22 -28.58
CA LYS C 122 -18.10 10.01 -28.81
C LYS C 122 -19.08 9.80 -27.64
N GLY C 123 -20.37 9.71 -27.95
CA GLY C 123 -21.39 9.55 -26.92
C GLY C 123 -21.41 8.09 -26.53
N PRO C 124 -21.90 7.80 -25.32
CA PRO C 124 -21.80 6.49 -24.72
C PRO C 124 -23.00 5.64 -25.03
N SER C 125 -22.75 4.36 -25.34
CA SER C 125 -23.73 3.32 -25.19
C SER C 125 -24.08 3.13 -23.70
N VAL C 126 -25.31 2.73 -23.39
CA VAL C 126 -25.74 2.44 -22.00
C VAL C 126 -26.50 1.14 -22.00
N PHE C 127 -25.91 0.12 -21.40
CA PHE C 127 -26.49 -1.18 -21.40
C PHE C 127 -26.90 -1.59 -20.02
N PRO C 128 -27.96 -2.39 -19.89
CA PRO C 128 -28.37 -2.89 -18.57
C PRO C 128 -27.45 -3.98 -17.98
N LEU C 129 -27.21 -3.86 -16.69
CA LEU C 129 -26.66 -4.93 -15.93
C LEU C 129 -27.86 -5.30 -15.12
N ALA C 130 -28.41 -6.47 -15.33
CA ALA C 130 -29.68 -6.76 -14.72
C ALA C 130 -29.67 -7.85 -13.68
N PRO C 131 -30.59 -7.72 -12.76
CA PRO C 131 -30.67 -8.53 -11.56
C PRO C 131 -30.75 -10.04 -11.78
N SER C 132 -30.88 -10.81 -10.71
CA SER C 132 -30.89 -12.23 -10.86
C SER C 132 -30.21 -12.99 -9.73
N SER C 133 -29.39 -13.98 -10.11
CA SER C 133 -28.66 -14.78 -9.17
C SER C 133 -27.62 -15.61 -9.88
N GLY C 139 -31.20 -12.02 0.29
CA GLY C 139 -32.30 -11.07 0.16
C GLY C 139 -31.88 -9.70 -0.36
N THR C 140 -30.68 -9.63 -0.96
CA THR C 140 -30.26 -8.43 -1.69
C THR C 140 -29.93 -8.75 -3.13
N ALA C 141 -30.36 -7.87 -4.03
CA ALA C 141 -30.06 -8.01 -5.44
C ALA C 141 -29.30 -6.81 -5.87
N ALA C 142 -28.40 -7.02 -6.83
CA ALA C 142 -27.68 -5.89 -7.44
C ALA C 142 -28.18 -5.70 -8.86
N LEU C 143 -28.37 -4.44 -9.25
CA LEU C 143 -28.65 -4.06 -10.63
C LEU C 143 -27.83 -2.83 -11.03
N GLY C 144 -27.53 -2.71 -12.31
CA GLY C 144 -26.69 -1.60 -12.75
C GLY C 144 -26.75 -1.26 -14.22
N CYS C 145 -25.86 -0.36 -14.61
CA CYS C 145 -25.76 0.20 -15.97
C CYS C 145 -24.33 0.16 -16.34
N LEU C 146 -24.05 -0.27 -17.55
CA LEU C 146 -22.74 -0.21 -18.10
C LEU C 146 -22.82 0.92 -19.06
N VAL C 147 -21.80 1.75 -19.13
CA VAL C 147 -21.85 2.91 -19.97
C VAL C 147 -20.58 2.91 -20.69
N LYS C 148 -20.58 2.50 -21.94
CA LYS C 148 -19.39 2.01 -22.58
C LYS C 148 -19.01 2.81 -23.79
N ASP C 149 -17.75 3.19 -23.90
CA ASP C 149 -17.24 3.82 -25.08
C ASP C 149 -17.62 5.26 -25.31
N TYR C 150 -17.24 6.15 -24.40
CA TYR C 150 -17.36 7.54 -24.68
C TYR C 150 -15.99 8.17 -24.66
N PHE C 151 -15.95 9.43 -25.05
CA PHE C 151 -14.78 10.24 -24.95
C PHE C 151 -15.34 11.55 -25.26
N PRO C 152 -14.86 12.62 -24.64
CA PRO C 152 -13.99 12.60 -23.45
C PRO C 152 -14.83 12.32 -22.19
N GLU C 153 -14.15 12.16 -21.05
CA GLU C 153 -14.81 12.27 -19.80
C GLU C 153 -15.34 13.67 -19.65
N PRO C 154 -16.33 13.88 -18.75
CA PRO C 154 -17.24 13.01 -17.99
C PRO C 154 -18.63 12.68 -18.48
N VAL C 155 -19.15 11.63 -17.88
CA VAL C 155 -20.57 11.30 -17.86
C VAL C 155 -21.09 11.44 -16.38
N THR C 156 -22.39 11.76 -16.24
CA THR C 156 -23.05 11.80 -14.92
C THR C 156 -24.16 10.75 -14.93
N VAL C 157 -24.10 9.84 -13.99
CA VAL C 157 -25.17 8.88 -13.87
C VAL C 157 -25.98 9.23 -12.65
N SER C 158 -27.29 9.05 -12.73
CA SER C 158 -28.17 9.09 -11.58
C SER C 158 -29.08 7.88 -11.64
N TRP C 159 -29.82 7.65 -10.56
CA TRP C 159 -30.85 6.62 -10.58
C TRP C 159 -32.16 7.26 -10.26
N ASN C 160 -33.12 6.92 -11.11
CA ASN C 160 -34.50 7.33 -10.93
C ASN C 160 -34.66 8.85 -10.79
N SER C 161 -33.79 9.58 -11.51
CA SER C 161 -33.71 11.02 -11.39
C SER C 161 -33.40 11.46 -9.95
N GLY C 162 -32.74 10.62 -9.16
CA GLY C 162 -32.29 10.99 -7.81
C GLY C 162 -33.20 10.52 -6.69
N ALA C 163 -34.17 9.69 -7.04
CA ALA C 163 -35.03 9.09 -6.02
C ALA C 163 -34.24 8.04 -5.24
N LEU C 164 -33.39 7.27 -5.95
CA LEU C 164 -32.52 6.31 -5.28
C LEU C 164 -31.15 6.86 -5.36
N THR C 165 -30.64 7.29 -4.23
CA THR C 165 -29.22 7.58 -4.14
C THR C 165 -28.56 6.53 -3.21
N SER C 166 -29.20 6.13 -2.10
CA SER C 166 -28.62 5.08 -1.23
C SER C 166 -28.38 3.74 -1.84
N GLY C 167 -27.10 3.38 -1.85
CA GLY C 167 -26.62 2.06 -2.25
C GLY C 167 -25.88 2.11 -3.58
N VAL C 168 -25.81 3.30 -4.15
CA VAL C 168 -25.33 3.42 -5.50
C VAL C 168 -23.80 3.59 -5.52
N HIS C 169 -23.09 2.78 -6.31
CA HIS C 169 -21.69 3.01 -6.59
C HIS C 169 -21.54 3.22 -8.09
N THR C 170 -21.00 4.38 -8.49
CA THR C 170 -20.58 4.67 -9.87
C THR C 170 -19.09 4.49 -9.85
N PHE C 171 -18.53 3.54 -10.60
CA PHE C 171 -17.10 3.28 -10.54
C PHE C 171 -16.36 4.32 -11.36
N PRO C 172 -15.11 4.65 -10.99
CA PRO C 172 -14.26 5.49 -11.84
C PRO C 172 -14.21 5.03 -13.28
N ALA C 173 -14.12 5.95 -14.25
CA ALA C 173 -13.97 5.52 -15.65
C ALA C 173 -12.64 4.77 -15.79
N VAL C 174 -12.57 3.67 -16.51
CA VAL C 174 -11.27 3.18 -17.01
C VAL C 174 -11.17 3.51 -18.51
N LEU C 175 -9.97 3.93 -18.91
CA LEU C 175 -9.60 4.08 -20.31
C LEU C 175 -9.31 2.72 -21.05
N GLN C 176 -10.22 2.34 -21.95
CA GLN C 176 -10.01 1.12 -22.73
C GLN C 176 -8.87 1.40 -23.70
N SER C 177 -8.30 0.33 -24.19
CA SER C 177 -7.29 0.47 -25.20
C SER C 177 -8.01 0.82 -26.50
N SER C 178 -9.35 0.95 -26.44
CA SER C 178 -10.10 1.58 -27.54
C SER C 178 -9.83 3.10 -27.61
N GLY C 179 -9.32 3.70 -26.52
CA GLY C 179 -9.19 5.16 -26.43
C GLY C 179 -10.49 5.79 -25.92
N LEU C 180 -11.46 4.93 -25.68
CA LEU C 180 -12.72 5.33 -25.14
C LEU C 180 -12.81 4.87 -23.71
N TYR C 181 -13.69 5.50 -22.97
CA TYR C 181 -13.90 5.17 -21.57
C TYR C 181 -15.04 4.22 -21.41
N SER C 182 -14.93 3.40 -20.37
CA SER C 182 -16.12 2.78 -19.80
C SER C 182 -16.23 2.97 -18.27
N LEU C 183 -17.47 3.00 -17.79
CA LEU C 183 -17.75 2.85 -16.39
C LEU C 183 -19.00 2.01 -16.16
N SER C 184 -19.15 1.51 -14.96
CA SER C 184 -20.40 0.92 -14.61
C SER C 184 -20.87 1.69 -13.40
N SER C 185 -22.18 1.70 -13.22
CA SER C 185 -22.84 2.31 -12.06
C SER C 185 -23.78 1.23 -11.55
N VAL C 186 -23.84 1.02 -10.25
CA VAL C 186 -24.58 -0.09 -9.69
C VAL C 186 -25.38 0.34 -8.48
N VAL C 187 -26.39 -0.45 -8.11
CA VAL C 187 -27.15 -0.19 -6.88
C VAL C 187 -27.75 -1.47 -6.32
N THR C 188 -27.39 -1.75 -5.07
CA THR C 188 -27.97 -2.86 -4.36
C THR C 188 -29.37 -2.36 -3.92
N VAL C 189 -30.36 -3.23 -4.13
CA VAL C 189 -31.78 -2.98 -3.77
C VAL C 189 -32.42 -4.26 -3.15
N PRO C 190 -33.59 -4.12 -2.48
CA PRO C 190 -34.23 -5.29 -1.88
C PRO C 190 -34.75 -6.28 -2.93
N SER C 191 -34.70 -7.59 -2.64
CA SER C 191 -35.13 -8.61 -3.60
C SER C 191 -36.62 -8.49 -3.88
N SER C 192 -37.35 -8.15 -2.83
CA SER C 192 -38.81 -8.09 -2.88
C SER C 192 -39.38 -6.81 -3.51
N SER C 193 -38.52 -5.91 -4.01
CA SER C 193 -39.00 -4.74 -4.74
C SER C 193 -38.90 -4.89 -6.28
N LEU C 194 -38.33 -6.00 -6.76
CA LEU C 194 -37.85 -6.05 -8.15
C LEU C 194 -38.92 -5.82 -9.25
N GLY C 195 -40.09 -6.44 -9.13
CA GLY C 195 -41.14 -6.32 -10.14
C GLY C 195 -41.98 -5.09 -9.88
N THR C 196 -42.18 -4.81 -8.59
CA THR C 196 -43.10 -3.78 -8.12
C THR C 196 -42.54 -2.36 -8.28
N GLN C 197 -41.23 -2.23 -8.04
CA GLN C 197 -40.49 -0.94 -8.17
C GLN C 197 -39.56 -0.91 -9.40
N THR C 198 -39.75 0.07 -10.30
CA THR C 198 -38.92 0.19 -11.52
C THR C 198 -37.57 0.81 -11.16
N TYR C 199 -36.57 0.36 -11.89
CA TYR C 199 -35.22 0.89 -11.80
C TYR C 199 -34.79 1.37 -13.19
N ILE C 200 -34.75 2.71 -13.31
CA ILE C 200 -34.32 3.39 -14.53
C ILE C 200 -33.16 4.30 -14.16
N CYS C 201 -32.04 4.18 -14.85
CA CYS C 201 -30.92 5.08 -14.58
C CYS C 201 -30.90 6.10 -15.68
N ASN C 202 -30.43 7.30 -15.35
CA ASN C 202 -30.26 8.38 -16.33
C ASN C 202 -28.75 8.75 -16.43
N VAL C 203 -28.19 8.65 -17.64
CA VAL C 203 -26.79 8.98 -17.94
C VAL C 203 -26.69 10.20 -18.80
N ASN C 204 -25.89 11.18 -18.34
CA ASN C 204 -25.66 12.38 -19.11
C ASN C 204 -24.25 12.44 -19.65
N HIS C 205 -24.12 12.78 -20.95
CA HIS C 205 -22.83 13.14 -21.59
C HIS C 205 -22.72 14.54 -22.33
N LYS C 206 -22.27 15.55 -21.59
CA LYS C 206 -22.22 16.97 -22.03
C LYS C 206 -21.43 17.14 -23.32
N PRO C 207 -20.19 16.63 -23.39
CA PRO C 207 -19.34 16.94 -24.57
C PRO C 207 -19.83 16.31 -25.89
N SER C 208 -20.63 15.27 -25.77
CA SER C 208 -21.32 14.74 -26.94
C SER C 208 -22.80 15.15 -27.02
N ASN C 209 -23.24 16.08 -26.17
CA ASN C 209 -24.68 16.43 -26.05
C ASN C 209 -25.66 15.19 -26.07
N THR C 210 -25.49 14.25 -25.12
CA THR C 210 -26.23 12.95 -25.01
C THR C 210 -26.91 12.68 -23.64
N LYS C 211 -28.23 12.45 -23.66
CA LYS C 211 -29.01 11.99 -22.47
C LYS C 211 -29.55 10.62 -22.82
N VAL C 212 -29.58 9.74 -21.83
CA VAL C 212 -30.31 8.49 -21.98
C VAL C 212 -31.00 8.25 -20.65
N ASP C 213 -32.14 7.55 -20.69
CA ASP C 213 -32.65 6.85 -19.51
C ASP C 213 -32.95 5.41 -19.91
N LYS C 214 -32.10 4.46 -19.52
CA LYS C 214 -32.34 3.04 -19.81
C LYS C 214 -33.08 2.43 -18.58
N LYS C 215 -34.01 1.50 -18.84
CA LYS C 215 -34.86 0.86 -17.81
C LYS C 215 -34.26 -0.51 -17.56
N VAL C 216 -33.60 -0.70 -16.43
CA VAL C 216 -32.97 -1.99 -16.18
C VAL C 216 -34.01 -2.88 -15.57
N GLU C 217 -34.32 -4.00 -16.24
CA GLU C 217 -35.29 -4.94 -15.70
C GLU C 217 -34.74 -6.33 -15.43
N PRO C 218 -35.37 -7.04 -14.47
CA PRO C 218 -35.16 -8.43 -14.08
C PRO C 218 -34.67 -9.40 -15.14
N LYS C 219 -33.65 -10.21 -14.84
CA LYS C 219 -33.25 -11.37 -15.67
C LYS C 219 -32.83 -12.56 -14.80
N ASP D 1 10.83 31.68 -4.95
CA ASP D 1 9.88 30.55 -5.21
C ASP D 1 10.06 29.60 -4.01
N ILE D 2 9.02 29.47 -3.18
CA ILE D 2 9.09 28.84 -1.89
C ILE D 2 8.67 27.43 -2.08
N GLN D 3 9.50 26.48 -1.71
CA GLN D 3 9.11 25.13 -1.97
C GLN D 3 8.62 24.57 -0.63
N MET D 4 7.62 23.71 -0.71
CA MET D 4 7.03 23.04 0.41
C MET D 4 7.25 21.53 0.32
N THR D 5 7.68 20.95 1.41
CA THR D 5 7.78 19.52 1.57
C THR D 5 6.74 18.97 2.61
N GLN D 6 5.80 18.12 2.18
CA GLN D 6 4.73 17.59 2.99
C GLN D 6 4.98 16.14 3.31
N SER D 7 4.63 15.72 4.48
CA SER D 7 5.08 14.44 4.94
C SER D 7 4.12 13.82 5.92
N PRO D 8 3.91 12.52 5.83
CA PRO D 8 4.24 11.45 4.96
C PRO D 8 3.52 11.75 3.65
N SER D 9 3.73 10.97 2.63
CA SER D 9 2.88 10.94 1.48
C SER D 9 1.69 10.06 1.60
N SER D 10 1.82 9.05 2.42
CA SER D 10 0.82 8.05 2.56
C SER D 10 0.81 7.57 3.95
N LEU D 11 -0.37 7.27 4.46
CA LEU D 11 -0.50 6.63 5.74
C LEU D 11 -1.83 5.96 5.88
N SER D 12 -1.85 4.94 6.69
CA SER D 12 -3.00 4.32 7.08
C SER D 12 -3.11 4.29 8.64
N ALA D 13 -4.30 4.57 9.13
CA ALA D 13 -4.56 4.83 10.55
C ALA D 13 -5.98 4.33 10.87
N SER D 14 -6.34 4.16 12.14
CA SER D 14 -7.64 3.57 12.49
C SER D 14 -8.56 4.55 13.09
N VAL D 15 -9.84 4.30 13.10
CA VAL D 15 -10.75 5.24 13.73
C VAL D 15 -10.39 5.54 15.18
N GLY D 16 -10.36 6.81 15.50
CA GLY D 16 -10.07 7.23 16.85
C GLY D 16 -8.64 7.55 17.12
N ASP D 17 -7.82 7.42 16.12
CA ASP D 17 -6.40 7.55 16.26
C ASP D 17 -5.93 8.92 16.03
N ARG D 18 -4.73 9.20 16.46
CA ARG D 18 -4.13 10.46 16.22
C ARG D 18 -3.27 10.43 14.99
N VAL D 19 -3.51 11.34 14.10
CA VAL D 19 -2.73 11.49 12.90
C VAL D 19 -2.08 12.89 12.75
N THR D 20 -0.80 12.90 12.38
CA THR D 20 -0.09 14.13 12.23
C THR D 20 0.55 14.16 10.89
N ILE D 21 0.30 15.21 10.17
CA ILE D 21 0.92 15.49 8.86
C ILE D 21 1.89 16.73 9.00
N THR D 22 3.04 16.73 8.32
CA THR D 22 4.01 17.79 8.56
C THR D 22 4.28 18.47 7.29
N CYS D 23 4.44 19.76 7.38
CA CYS D 23 4.77 20.44 6.18
C CYS D 23 5.96 21.38 6.46
N ARG D 24 6.87 21.47 5.52
CA ARG D 24 8.07 22.27 5.67
C ARG D 24 8.27 23.30 4.58
N ALA D 25 8.52 24.52 4.98
CA ALA D 25 8.86 25.57 4.04
C ALA D 25 10.36 25.78 3.88
N SER D 26 10.78 26.21 2.71
CA SER D 26 12.17 26.32 2.41
C SER D 26 12.71 27.64 2.87
N GLN D 27 11.85 28.41 3.48
CA GLN D 27 12.19 29.72 3.84
C GLN D 27 11.09 30.03 4.79
N ASP D 28 11.27 31.06 5.59
CA ASP D 28 10.38 31.35 6.67
C ASP D 28 9.17 32.14 6.23
N ILE D 29 7.99 31.60 6.55
CA ILE D 29 6.74 32.14 6.00
C ILE D 29 5.82 32.62 7.11
N ARG D 30 6.35 32.71 8.33
CA ARG D 30 5.56 33.07 9.50
C ARG D 30 4.38 32.12 9.61
N TYR D 31 3.18 32.66 9.56
CA TYR D 31 1.97 31.92 9.90
C TYR D 31 1.16 31.59 8.65
N TYR D 32 1.64 32.04 7.50
CA TYR D 32 0.82 32.12 6.29
C TYR D 32 0.76 30.76 5.59
N LEU D 33 0.21 29.77 6.27
CA LEU D 33 0.04 28.49 5.71
C LEU D 33 -1.34 27.94 5.98
N ASN D 34 -2.04 27.58 4.93
CA ASN D 34 -3.36 26.91 5.04
C ASN D 34 -3.24 25.39 4.92
N TRP D 35 -4.19 24.66 5.53
CA TRP D 35 -4.34 23.23 5.23
C TRP D 35 -5.69 23.04 4.56
N TYR D 36 -5.77 22.14 3.57
CA TYR D 36 -6.94 21.88 2.74
C TYR D 36 -7.19 20.37 2.78
N GLN D 37 -8.45 19.96 2.82
CA GLN D 37 -8.81 18.58 2.68
C GLN D 37 -9.43 18.35 1.32
N GLN D 38 -9.04 17.30 0.64
CA GLN D 38 -9.73 16.95 -0.58
C GLN D 38 -10.35 15.60 -0.53
N LYS D 39 -11.63 15.51 -0.78
CA LYS D 39 -12.27 14.23 -0.75
C LYS D 39 -12.34 13.75 -2.17
N PRO D 40 -12.65 12.49 -2.39
CA PRO D 40 -12.56 11.96 -3.73
C PRO D 40 -13.53 12.64 -4.67
N GLY D 41 -13.06 13.05 -5.82
CA GLY D 41 -13.92 13.65 -6.82
C GLY D 41 -14.41 15.01 -6.46
N LYS D 42 -13.74 15.65 -5.54
CA LYS D 42 -14.22 16.88 -5.01
C LYS D 42 -13.11 17.89 -4.86
N ALA D 43 -13.48 19.13 -4.84
CA ALA D 43 -12.54 20.18 -4.76
C ALA D 43 -12.13 20.36 -3.32
N PRO D 44 -10.91 20.79 -3.12
CA PRO D 44 -10.33 21.00 -1.82
C PRO D 44 -11.05 22.04 -1.01
N LYS D 45 -10.87 21.97 0.27
CA LYS D 45 -11.68 22.63 1.23
C LYS D 45 -10.82 23.00 2.41
N LEU D 46 -10.92 24.24 2.82
CA LEU D 46 -10.08 24.76 3.85
C LEU D 46 -10.36 24.12 5.17
N LEU D 47 -9.33 23.58 5.82
CA LEU D 47 -9.47 23.16 7.15
C LEU D 47 -8.93 24.19 8.15
N ILE D 48 -7.72 24.62 7.90
CA ILE D 48 -7.01 25.48 8.80
C ILE D 48 -6.40 26.60 8.01
N TYR D 49 -6.44 27.80 8.54
CA TYR D 49 -5.86 28.92 7.87
C TYR D 49 -5.01 29.75 8.83
N VAL D 50 -4.06 30.47 8.28
CA VAL D 50 -2.99 31.08 9.04
C VAL D 50 -2.50 30.19 10.14
N ALA D 51 -2.25 28.95 9.76
CA ALA D 51 -1.61 27.97 10.60
C ALA D 51 -2.25 27.42 11.84
N SER D 52 -3.26 28.07 12.38
CA SER D 52 -3.91 27.52 13.52
C SER D 52 -5.39 27.80 13.62
N SER D 53 -5.90 28.63 12.75
CA SER D 53 -7.31 28.95 12.77
C SER D 53 -8.18 28.00 12.01
N LEU D 54 -9.15 27.50 12.71
CA LEU D 54 -10.04 26.56 12.16
C LEU D 54 -11.14 27.25 11.38
N GLN D 55 -11.45 26.72 10.23
CA GLN D 55 -12.47 27.21 9.42
C GLN D 55 -13.75 26.75 10.04
N SER D 56 -14.80 27.50 9.86
CA SER D 56 -16.11 27.10 10.25
C SER D 56 -16.61 26.32 9.09
N GLY D 57 -17.33 25.25 9.29
CA GLY D 57 -17.46 24.54 10.52
C GLY D 57 -16.74 23.25 10.24
N VAL D 58 -15.48 23.25 10.63
CA VAL D 58 -14.62 22.13 10.43
C VAL D 58 -14.53 21.61 11.82
N PRO D 59 -14.62 20.33 11.99
CA PRO D 59 -14.65 19.77 13.31
C PRO D 59 -13.35 19.99 14.03
N SER D 60 -13.46 20.24 15.31
CA SER D 60 -12.33 20.64 16.07
C SER D 60 -11.32 19.55 16.38
N ARG D 61 -11.53 18.35 15.89
CA ARG D 61 -10.53 17.33 15.94
C ARG D 61 -9.37 17.68 15.04
N PHE D 62 -9.60 18.56 14.09
CA PHE D 62 -8.55 19.08 13.28
C PHE D 62 -7.93 20.28 13.94
N SER D 63 -6.67 20.16 14.26
CA SER D 63 -5.92 21.30 14.81
C SER D 63 -4.65 21.53 14.01
N GLY D 64 -4.03 22.67 14.20
CA GLY D 64 -2.85 23.06 13.39
C GLY D 64 -1.89 23.93 14.21
N SER D 65 -0.61 23.73 13.97
CA SER D 65 0.40 24.32 14.80
C SER D 65 1.65 24.70 14.05
N GLY D 66 2.53 25.44 14.67
CA GLY D 66 3.79 25.73 14.04
C GLY D 66 3.92 27.08 13.39
N SER D 67 5.11 27.36 12.91
CA SER D 67 5.42 28.65 12.34
C SER D 67 6.79 28.70 11.78
N GLY D 68 6.99 29.63 10.88
CA GLY D 68 8.25 29.81 10.26
C GLY D 68 8.43 28.88 9.13
N THR D 69 8.83 27.68 9.44
CA THR D 69 9.42 26.80 8.50
C THR D 69 8.86 25.42 8.68
N GLU D 70 8.27 25.16 9.84
CA GLU D 70 7.71 23.87 10.19
C GLU D 70 6.28 23.97 10.63
N PHE D 71 5.39 23.28 9.95
CA PHE D 71 3.98 23.34 10.25
C PHE D 71 3.42 22.00 10.40
N THR D 72 2.48 21.86 11.31
CA THR D 72 1.87 20.57 11.62
C THR D 72 0.33 20.61 11.61
N LEU D 73 -0.26 19.65 10.96
CA LEU D 73 -1.69 19.44 11.01
C LEU D 73 -1.99 18.14 11.78
N THR D 74 -2.87 18.18 12.77
CA THR D 74 -3.24 16.98 13.58
C THR D 74 -4.75 16.74 13.58
N VAL D 75 -5.12 15.47 13.40
CA VAL D 75 -6.42 15.01 13.74
C VAL D 75 -6.30 14.26 15.01
N SER D 76 -6.93 14.72 16.07
CA SER D 76 -6.93 14.01 17.38
C SER D 76 -7.65 12.70 17.41
N SER D 77 -8.68 12.52 16.63
CA SER D 77 -9.21 11.14 16.54
C SER D 77 -9.93 10.90 15.19
N LEU D 78 -9.17 10.19 14.36
CA LEU D 78 -9.50 9.98 12.97
C LEU D 78 -10.91 9.38 12.93
N GLN D 79 -11.75 9.90 12.07
CA GLN D 79 -13.08 9.35 11.80
C GLN D 79 -13.14 8.81 10.38
N PRO D 80 -14.12 7.99 10.07
CA PRO D 80 -14.17 7.45 8.70
C PRO D 80 -14.29 8.51 7.61
N GLU D 81 -14.99 9.62 7.86
CA GLU D 81 -15.19 10.63 6.83
C GLU D 81 -13.92 11.46 6.54
N ASP D 82 -12.84 11.17 7.28
CA ASP D 82 -11.59 11.86 7.07
C ASP D 82 -10.75 11.19 6.02
N PHE D 83 -11.19 10.07 5.46
CA PHE D 83 -10.52 9.50 4.32
C PHE D 83 -10.32 10.67 3.36
N ALA D 84 -9.08 11.02 2.97
CA ALA D 84 -8.84 12.15 2.09
C ALA D 84 -7.37 12.27 1.83
N THR D 85 -7.00 13.09 0.85
CA THR D 85 -5.69 13.58 0.58
C THR D 85 -5.76 14.99 1.10
N TYR D 86 -4.81 15.30 1.97
CA TYR D 86 -4.63 16.58 2.61
C TYR D 86 -3.40 17.31 1.92
N TYR D 87 -3.54 18.63 1.84
CA TYR D 87 -2.58 19.52 1.12
C TYR D 87 -2.24 20.73 1.92
N CYS D 88 -0.95 21.07 2.06
CA CYS D 88 -0.72 22.44 2.57
C CYS D 88 -0.54 23.49 1.48
N LEU D 89 -0.78 24.76 1.83
CA LEU D 89 -0.58 25.88 0.92
C LEU D 89 0.09 27.03 1.58
N GLN D 90 1.10 27.54 0.94
CA GLN D 90 1.95 28.63 1.43
C GLN D 90 1.27 29.88 0.90
N VAL D 91 0.67 30.70 1.78
CA VAL D 91 -0.02 31.94 1.33
C VAL D 91 0.78 33.20 1.71
N TYR D 92 2.11 33.08 1.61
CA TYR D 92 3.03 34.15 1.91
C TYR D 92 3.47 34.78 0.61
N SER D 93 3.76 34.02 -0.43
CA SER D 93 4.42 34.54 -1.67
C SER D 93 3.70 33.97 -2.87
N THR D 94 3.65 34.68 -3.95
CA THR D 94 3.04 34.20 -5.16
C THR D 94 4.26 33.99 -6.02
N PRO D 95 4.46 32.84 -6.67
CA PRO D 95 3.66 31.64 -6.93
C PRO D 95 3.09 30.97 -5.67
N ARG D 96 1.80 30.61 -5.68
CA ARG D 96 1.25 29.79 -4.65
C ARG D 96 1.99 28.48 -4.75
N THR D 97 2.30 27.84 -3.65
CA THR D 97 2.92 26.55 -3.78
C THR D 97 2.26 25.58 -2.81
N PHE D 98 1.84 24.41 -3.32
CA PHE D 98 1.27 23.44 -2.45
C PHE D 98 2.23 22.34 -2.11
N GLY D 99 1.98 21.74 -0.96
CA GLY D 99 2.54 20.41 -0.71
C GLY D 99 2.18 19.43 -1.73
N GLN D 100 2.93 18.36 -1.79
CA GLN D 100 2.62 17.34 -2.71
C GLN D 100 1.46 16.49 -2.22
N GLY D 101 0.97 16.62 -1.00
CA GLY D 101 -0.14 15.77 -0.56
C GLY D 101 0.15 14.59 0.35
N THR D 102 -0.84 14.26 1.19
CA THR D 102 -0.85 13.10 2.10
C THR D 102 -2.12 12.33 1.95
N LYS D 103 -2.02 11.07 1.60
CA LYS D 103 -3.13 10.17 1.42
C LYS D 103 -3.29 9.41 2.73
N VAL D 104 -4.44 9.63 3.33
CA VAL D 104 -4.91 9.03 4.57
C VAL D 104 -6.00 8.04 4.21
N GLU D 105 -5.65 6.77 4.34
CA GLU D 105 -6.54 5.67 4.27
C GLU D 105 -6.87 5.11 5.70
N ILE D 106 -8.04 4.52 5.87
CA ILE D 106 -8.55 4.12 7.16
C ILE D 106 -8.44 2.60 7.29
N LYS D 107 -7.71 2.16 8.30
CA LYS D 107 -7.66 0.76 8.59
C LYS D 107 -8.81 0.38 9.48
N ARG D 108 -9.45 -0.71 9.10
CA ARG D 108 -10.50 -1.33 9.83
C ARG D 108 -10.35 -2.82 9.70
N THR D 109 -11.31 -3.54 10.22
CA THR D 109 -11.22 -4.95 10.28
C THR D 109 -11.56 -5.51 8.91
N VAL D 110 -10.99 -6.68 8.61
CA VAL D 110 -11.24 -7.42 7.37
C VAL D 110 -12.76 -7.64 7.13
N ALA D 111 -13.24 -7.40 5.92
CA ALA D 111 -14.65 -7.54 5.52
C ALA D 111 -14.60 -8.25 4.19
N ALA D 112 -15.28 -9.40 4.11
CA ALA D 112 -15.30 -10.25 2.92
C ALA D 112 -16.22 -9.57 1.92
N PRO D 113 -15.94 -9.66 0.64
CA PRO D 113 -16.91 -9.07 -0.29
C PRO D 113 -18.13 -9.92 -0.53
N SER D 114 -19.18 -9.29 -1.05
CA SER D 114 -20.25 -10.00 -1.79
C SER D 114 -19.80 -10.11 -3.22
N VAL D 115 -20.17 -11.17 -3.91
CA VAL D 115 -19.84 -11.21 -5.34
C VAL D 115 -21.07 -11.46 -6.14
N PHE D 116 -21.29 -10.67 -7.19
CA PHE D 116 -22.38 -10.85 -8.12
C PHE D 116 -21.80 -10.74 -9.55
N ILE D 117 -22.36 -11.56 -10.47
CA ILE D 117 -21.96 -11.59 -11.87
C ILE D 117 -23.13 -11.18 -12.78
N PHE D 118 -22.85 -10.22 -13.65
CA PHE D 118 -23.81 -9.74 -14.63
C PHE D 118 -23.36 -10.11 -16.01
N PRO D 119 -24.13 -10.94 -16.69
CA PRO D 119 -23.84 -11.36 -18.04
C PRO D 119 -24.35 -10.35 -19.01
N PRO D 120 -23.86 -10.41 -20.21
CA PRO D 120 -24.11 -9.38 -21.20
C PRO D 120 -25.56 -9.23 -21.54
N SER D 121 -25.92 -8.06 -22.01
CA SER D 121 -27.20 -7.84 -22.58
C SER D 121 -26.91 -8.18 -24.01
N ASP D 122 -27.87 -8.05 -24.91
CA ASP D 122 -29.28 -7.92 -24.61
C ASP D 122 -29.93 -7.96 -25.96
N GLU D 123 -29.81 -6.91 -26.78
CA GLU D 123 -29.07 -5.67 -26.63
C GLU D 123 -27.58 -5.87 -26.83
N GLN D 124 -26.78 -4.90 -26.43
CA GLN D 124 -25.34 -4.92 -26.69
C GLN D 124 -25.00 -6.03 -27.61
N LEU D 125 -24.95 -7.23 -27.07
CA LEU D 125 -24.90 -8.43 -27.87
C LEU D 125 -25.38 -8.20 -29.29
N LYS D 126 -26.57 -7.67 -29.43
CA LYS D 126 -27.07 -7.42 -30.76
C LYS D 126 -26.19 -6.42 -31.45
N SER D 127 -24.91 -6.38 -31.10
CA SER D 127 -24.06 -5.34 -31.65
C SER D 127 -22.58 -5.67 -31.81
N GLY D 128 -22.20 -6.91 -31.52
CA GLY D 128 -20.85 -7.38 -31.79
C GLY D 128 -19.96 -7.73 -30.62
N THR D 129 -20.22 -7.13 -29.47
CA THR D 129 -19.35 -7.21 -28.33
C THR D 129 -20.17 -7.58 -27.12
N ALA D 130 -19.61 -8.32 -26.20
CA ALA D 130 -20.32 -8.61 -24.98
C ALA D 130 -19.42 -8.44 -23.76
N SER D 131 -19.98 -7.86 -22.71
CA SER D 131 -19.24 -7.56 -21.51
C SER D 131 -19.87 -8.20 -20.31
N VAL D 132 -19.13 -9.10 -19.68
CA VAL D 132 -19.58 -9.68 -18.42
C VAL D 132 -18.98 -8.86 -17.30
N VAL D 133 -19.79 -8.50 -16.34
CA VAL D 133 -19.32 -7.67 -15.26
C VAL D 133 -19.43 -8.44 -13.97
N CYS D 134 -18.42 -8.23 -13.11
CA CYS D 134 -18.23 -8.97 -11.90
C CYS D 134 -18.05 -7.95 -10.84
N LEU D 135 -18.98 -7.91 -9.88
CA LEU D 135 -19.08 -6.84 -8.87
C LEU D 135 -18.64 -7.39 -7.53
N LEU D 136 -17.59 -6.80 -6.94
CA LEU D 136 -17.17 -7.10 -5.54
C LEU D 136 -17.66 -5.97 -4.63
N ASN D 137 -18.57 -6.28 -3.72
CA ASN D 137 -19.19 -5.20 -2.92
C ASN D 137 -18.71 -5.19 -1.49
N ASN D 138 -18.39 -3.99 -0.98
CA ASN D 138 -18.15 -3.69 0.44
C ASN D 138 -17.08 -4.54 1.14
N PHE D 139 -15.83 -4.36 0.74
CA PHE D 139 -14.76 -5.17 1.30
C PHE D 139 -13.56 -4.34 1.86
N TYR D 140 -12.75 -5.00 2.71
CA TYR D 140 -11.50 -4.44 3.32
C TYR D 140 -10.58 -5.60 3.66
N PRO D 141 -9.28 -5.52 3.30
CA PRO D 141 -8.60 -4.49 2.58
C PRO D 141 -8.80 -4.54 1.06
N ARG D 142 -8.14 -3.63 0.40
CA ARG D 142 -8.31 -3.29 -1.00
C ARG D 142 -7.80 -4.29 -2.00
N GLU D 143 -6.89 -5.14 -1.55
CA GLU D 143 -6.29 -6.09 -2.40
C GLU D 143 -7.29 -7.23 -2.54
N ALA D 144 -7.42 -7.77 -3.75
CA ALA D 144 -8.45 -8.71 -4.11
C ALA D 144 -7.96 -9.29 -5.39
N LYS D 145 -8.25 -10.56 -5.61
CA LYS D 145 -7.91 -11.24 -6.83
C LYS D 145 -9.21 -11.69 -7.54
N VAL D 146 -9.33 -11.25 -8.79
CA VAL D 146 -10.48 -11.49 -9.61
C VAL D 146 -9.97 -12.15 -10.90
N GLN D 147 -10.21 -13.45 -11.07
CA GLN D 147 -9.79 -14.18 -12.31
C GLN D 147 -11.01 -14.68 -13.11
N TRP D 148 -10.95 -14.55 -14.41
CA TRP D 148 -12.05 -14.92 -15.24
C TRP D 148 -11.81 -16.31 -15.83
N LYS D 149 -12.81 -17.17 -15.75
CA LYS D 149 -12.70 -18.52 -16.30
C LYS D 149 -13.83 -18.85 -17.26
N VAL D 150 -13.62 -18.69 -18.55
CA VAL D 150 -14.50 -19.31 -19.53
C VAL D 150 -14.28 -20.79 -19.72
N ASP D 151 -15.28 -21.55 -19.37
CA ASP D 151 -15.19 -22.97 -19.54
C ASP D 151 -13.85 -23.38 -19.01
N ASN D 152 -13.78 -23.65 -17.71
CA ASN D 152 -12.59 -23.37 -16.92
C ASN D 152 -11.36 -22.95 -17.65
N ALA D 153 -11.47 -22.07 -18.62
CA ALA D 153 -10.27 -21.53 -19.23
C ALA D 153 -9.85 -20.19 -18.65
N LEU D 154 -8.72 -20.17 -17.96
CA LEU D 154 -8.40 -19.06 -17.12
C LEU D 154 -7.90 -17.91 -17.96
N GLN D 155 -8.60 -16.79 -17.89
CA GLN D 155 -8.43 -15.74 -18.85
C GLN D 155 -7.34 -14.75 -18.51
N SER D 156 -6.84 -14.07 -19.53
CA SER D 156 -5.87 -13.02 -19.36
C SER D 156 -6.10 -12.01 -20.45
N GLY D 157 -5.57 -10.83 -20.27
CA GLY D 157 -5.57 -9.82 -21.31
C GLY D 157 -6.85 -9.22 -21.82
N ASN D 158 -8.00 -9.59 -21.27
CA ASN D 158 -9.24 -9.06 -21.77
C ASN D 158 -10.22 -8.68 -20.69
N SER D 159 -9.83 -7.79 -19.78
CA SER D 159 -10.68 -7.30 -18.72
C SER D 159 -9.98 -6.18 -17.99
N GLN D 160 -10.74 -5.17 -17.61
CA GLN D 160 -10.22 -4.08 -16.83
C GLN D 160 -10.86 -4.17 -15.49
N GLU D 161 -10.34 -3.42 -14.54
CA GLU D 161 -10.87 -3.37 -13.20
C GLU D 161 -11.02 -1.93 -12.75
N SER D 162 -12.11 -1.60 -12.08
CA SER D 162 -12.32 -0.29 -11.46
C SER D 162 -12.64 -0.52 -9.99
N VAL D 163 -11.96 0.23 -9.14
CA VAL D 163 -12.19 0.15 -7.76
C VAL D 163 -12.60 1.53 -7.29
N THR D 164 -13.55 1.61 -6.37
CA THR D 164 -14.07 2.86 -5.84
C THR D 164 -13.20 3.34 -4.68
N GLU D 165 -13.57 4.48 -4.14
CA GLU D 165 -13.00 5.13 -2.94
C GLU D 165 -13.32 4.35 -1.75
N GLN D 166 -12.64 4.65 -0.69
CA GLN D 166 -12.97 4.02 0.57
C GLN D 166 -14.21 4.72 0.95
N ASP D 167 -15.23 4.03 1.42
CA ASP D 167 -16.51 4.66 1.73
C ASP D 167 -16.28 5.51 2.93
N SER D 168 -16.92 6.65 3.01
CA SER D 168 -16.73 7.50 4.18
C SER D 168 -17.56 7.18 5.44
N LYS D 169 -18.54 6.27 5.35
CA LYS D 169 -19.34 5.86 6.52
C LYS D 169 -18.69 4.57 7.05
N ASP D 170 -18.48 3.58 6.19
CA ASP D 170 -17.96 2.28 6.67
C ASP D 170 -16.52 1.84 6.21
N SER D 171 -15.78 2.72 5.51
CA SER D 171 -14.40 2.49 5.22
C SER D 171 -14.12 1.27 4.32
N THR D 172 -15.11 0.77 3.57
CA THR D 172 -14.91 -0.43 2.72
C THR D 172 -14.74 -0.03 1.28
N TYR D 173 -14.43 -0.99 0.42
CA TYR D 173 -14.22 -0.74 -0.98
C TYR D 173 -15.25 -1.49 -1.81
N SER D 174 -15.39 -1.10 -3.05
CA SER D 174 -16.12 -1.92 -3.97
C SER D 174 -15.37 -2.00 -5.30
N LEU D 175 -15.63 -3.09 -6.09
CA LEU D 175 -14.83 -3.31 -7.28
C LEU D 175 -15.50 -3.99 -8.46
N SER D 176 -15.28 -3.45 -9.64
CA SER D 176 -15.90 -3.97 -10.81
C SER D 176 -14.81 -4.43 -11.78
N SER D 177 -14.93 -5.64 -12.30
CA SER D 177 -13.98 -6.20 -13.27
C SER D 177 -14.80 -6.67 -14.44
N THR D 178 -14.47 -6.19 -15.66
CA THR D 178 -15.29 -6.48 -16.87
C THR D 178 -14.56 -7.23 -17.98
N LEU D 179 -15.11 -8.37 -18.32
CA LEU D 179 -14.51 -9.26 -19.31
C LEU D 179 -15.16 -8.83 -20.57
N THR D 180 -14.43 -8.20 -21.48
CA THR D 180 -14.97 -7.97 -22.80
C THR D 180 -14.45 -9.03 -23.74
N LEU D 181 -15.35 -9.49 -24.62
CA LEU D 181 -15.10 -10.44 -25.73
C LEU D 181 -16.02 -10.10 -26.93
N SER D 182 -15.71 -10.59 -28.13
CA SER D 182 -16.60 -10.32 -29.25
C SER D 182 -17.77 -11.27 -29.12
N LYS D 183 -18.93 -10.83 -29.59
CA LYS D 183 -20.11 -11.71 -29.78
C LYS D 183 -19.66 -13.12 -30.24
N ALA D 184 -18.86 -13.16 -31.32
CA ALA D 184 -18.27 -14.42 -31.87
C ALA D 184 -17.69 -15.35 -30.80
N ASP D 185 -16.72 -14.86 -30.04
CA ASP D 185 -16.03 -15.61 -28.96
C ASP D 185 -16.95 -15.95 -27.79
N TYR D 186 -17.87 -15.03 -27.47
CA TYR D 186 -18.80 -15.22 -26.33
C TYR D 186 -19.62 -16.44 -26.60
N GLU D 187 -20.12 -16.50 -27.81
CA GLU D 187 -21.10 -17.50 -28.15
C GLU D 187 -20.53 -18.93 -28.29
N LYS D 188 -19.22 -19.12 -28.10
CA LYS D 188 -18.68 -20.46 -28.28
C LYS D 188 -18.76 -21.29 -27.00
N HIS D 189 -18.73 -20.67 -25.80
CA HIS D 189 -18.60 -21.46 -24.55
C HIS D 189 -19.80 -21.23 -23.69
N LYS D 190 -20.12 -22.21 -22.83
CA LYS D 190 -21.33 -22.20 -21.99
C LYS D 190 -21.06 -21.41 -20.70
N VAL D 191 -20.29 -21.96 -19.76
CA VAL D 191 -20.14 -21.40 -18.36
C VAL D 191 -19.16 -20.21 -18.29
N TYR D 192 -19.58 -19.14 -17.63
CA TYR D 192 -18.70 -18.02 -17.34
C TYR D 192 -18.56 -17.80 -15.81
N ALA D 193 -17.33 -17.72 -15.30
CA ALA D 193 -17.10 -17.46 -13.88
C ALA D 193 -15.98 -16.41 -13.65
N CYS D 194 -16.13 -15.64 -12.57
CA CYS D 194 -14.98 -15.02 -11.95
C CYS D 194 -14.87 -15.66 -10.60
N GLU D 195 -13.64 -15.51 -10.09
CA GLU D 195 -13.09 -16.27 -8.99
C GLU D 195 -12.35 -15.25 -8.15
N VAL D 196 -12.84 -15.07 -6.92
CA VAL D 196 -12.47 -13.98 -6.04
C VAL D 196 -11.78 -14.55 -4.79
N THR D 197 -10.53 -14.15 -4.64
CA THR D 197 -9.71 -14.55 -3.54
C THR D 197 -9.39 -13.31 -2.79
N HIS D 198 -9.48 -13.46 -1.48
CA HIS D 198 -9.40 -12.28 -0.62
C HIS D 198 -9.33 -12.67 0.85
N GLN D 199 -8.57 -11.86 1.55
CA GLN D 199 -8.18 -12.12 2.92
C GLN D 199 -9.37 -12.39 3.86
N GLY D 200 -10.59 -12.02 3.48
CA GLY D 200 -11.77 -12.40 4.27
C GLY D 200 -12.51 -13.66 3.83
N LEU D 201 -12.07 -14.26 2.73
CA LEU D 201 -12.61 -15.51 2.26
C LEU D 201 -11.56 -16.50 2.66
N SER D 202 -12.01 -17.58 3.33
CA SER D 202 -11.12 -18.65 3.76
C SER D 202 -10.77 -19.58 2.57
N SER D 203 -11.38 -19.34 1.43
CA SER D 203 -10.93 -19.94 0.19
C SER D 203 -11.71 -19.26 -0.90
N PRO D 204 -11.16 -19.28 -2.12
CA PRO D 204 -11.73 -18.43 -3.20
C PRO D 204 -13.25 -18.55 -3.41
N VAL D 205 -13.92 -17.46 -3.70
CA VAL D 205 -15.29 -17.54 -4.16
C VAL D 205 -15.38 -17.49 -5.71
N THR D 206 -16.51 -17.99 -6.22
CA THR D 206 -16.82 -18.01 -7.68
C THR D 206 -18.29 -17.87 -7.89
N LYS D 207 -18.66 -16.95 -8.76
CA LYS D 207 -20.01 -16.83 -9.20
C LYS D 207 -19.90 -17.18 -10.67
N SER D 208 -20.76 -18.06 -11.15
CA SER D 208 -20.77 -18.35 -12.57
C SER D 208 -22.20 -18.32 -13.14
N PHE D 209 -22.32 -18.58 -14.46
CA PHE D 209 -23.60 -18.66 -15.16
C PHE D 209 -23.46 -19.41 -16.50
N ASN D 210 -24.47 -20.21 -16.87
CA ASN D 210 -24.50 -20.79 -18.21
C ASN D 210 -25.28 -19.88 -19.15
N ARG D 211 -24.95 -20.00 -20.44
CA ARG D 211 -25.41 -19.03 -21.43
C ARG D 211 -26.93 -19.26 -21.63
N GLY D 212 -27.71 -18.17 -21.59
CA GLY D 212 -29.18 -18.19 -21.67
C GLY D 212 -29.90 -18.93 -20.54
N GLU D 213 -29.84 -18.38 -19.30
CA GLU D 213 -30.38 -19.07 -18.12
C GLU D 213 -30.53 -18.13 -16.97
#